data_7LA4
#
_entry.id   7LA4
#
_cell.length_a   1.00
_cell.length_b   1.00
_cell.length_c   1.00
_cell.angle_alpha   90.00
_cell.angle_beta   90.00
_cell.angle_gamma   90.00
#
_symmetry.space_group_name_H-M   'P 1'
#
loop_
_entity.id
_entity.type
_entity.pdbx_description
1 polymer 'PT25-2 heavy chain'
2 polymer 'PT25-2 light chain'
3 polymer 'Integrin alpha-IIb'
4 polymer 'Integrin beta-3'
5 branched 2-acetamido-2-deoxy-beta-D-glucopyranose-(1-4)-2-acetamido-2-deoxy-beta-D-glucopyranose
6 branched alpha-D-mannopyranose-(1-3)-alpha-D-mannopyranose-(1-4)-2-acetamido-2-deoxy-beta-D-glucopyranose-(1-4)-2-acetamido-2-deoxy-beta-D-glucopyranose
7 branched alpha-D-mannopyranose-(1-4)-2-acetamido-2-deoxy-beta-D-glucopyranose-(1-4)-2-acetamido-2-deoxy-beta-D-glucopyranose
8 non-polymer 'CALCIUM ION'
9 non-polymer 2-acetamido-2-deoxy-beta-D-glucopyranose
10 non-polymer 'MAGNESIUM ION'
11 water water
#
loop_
_entity_poly.entity_id
_entity_poly.type
_entity_poly.pdbx_seq_one_letter_code
_entity_poly.pdbx_strand_id
1 'polypeptide(L)'
;EVLLQQSGPELVKPGASVKIPCKTSGYTFTDSNMDWVKQSHGKSLEWIGDINPNNGGTLYNQKFKDKATLTIDKSSSTAY
MELRTLTSEDTAVYYCTRSYYGRFDYWGQGTALTVSSAKTTPPSVYPLAPGSAAQTNSMVTLGCLVKGYFPEPVTVTWNS
GSLSSGVHTFPAVLQSDLYTLSSSVTVPSSPRPSETVTCNVAHPASSTKVDKKI
;
H
2 'polypeptide(L)'
;DIQMTQTTSSLSASLGDRVTISCRASQDISNYLNWYQQKSDGTVKLLIYYTSRLHSGVPSRFSGSGSGTDYSLTISNLEQ
EDIATYFCQQGNTLPPTFGGGTKLEIKRADAAPTVSIFPPSSEQLTSGGASVVCFLNNFYPKDINVKWKIDGSERQNGVL
NSWTDQDSKDSTYSMSSTLTLTKDEYERHNSYTCEATHKTSTSPIVKSFNRNEC
;
L
3 'polypeptide(L)'
;MARALCPLQALWLLEWVLLLLGPCAAPPAWALNLDPVQLTFYAGPNGSQFGFSLDFHKDSHGRVAIVVGAPRTLGPSQEE
TGGVFLCPWRAEGGQCPSLLFDLRDETRNVGSQTLQTFKARQGLGASVVSWSDVIVACAPWQHWNVLEKTEEAEKTPVGS
CFLAQPESGRRAEYSPCRGNTLSRIYVENDFSWDKRYCEAGFSSVVTQAGELVLGAPGGYYFLGLLAQAPVADIFSSYRP
GILLWHVSSQSLSFDSSNPEYFDGYWGYSVAVGEFDGDLNTTEYVVGAPTWSWTLGAVEILDSYYQRLHRLRGEQMASYF
GHSVAVTDVNGDGRHDLLVGAPLYMESRADRKLAEVGRVYLFLQPRGPHALGAPSLLLTGTQLYGRFGSAIAPLGDLDRD
GYNDIAVAAPYGGPSGRGQVLVFLGQSEGLRSRPSQVLDSPFPTGSAFGFSLRGAVDIDDNGYPDLIVGAYGANQVAVYR
AQPVVKASVQLLVQDSLNPAVKSCVLPQTKTPVSCFNIQMCVGATGHNIPQKLSLNAELQLDRQKPRQGRRVLLLGSQQA
GTTLNLDLGGKHSPICHTTMAFLRDEADFRDKLSPIVLSLNVSLPPTEAGMAPAVVLHGDTHVQEQTRIVLDCGEDDVCV
PQLQLTASVTGSPLLVGADNVLELQMDAANEGEGAYEAELAVHLPQGAHYMRALSNVEGFERLICNQKKENETRVVLCEL
GNPMKKNAQIGIAMLVSVGNLEEAGESVSFQLQIRSKNSQNPNSKIVLLDVPVRAEAQVELRGNSFPASLVVAAEEGERE
QNSLDSWGPKVEHTYELHNNGPGTVNGLHLSIHLPGQSQPSDLLYILDIQPQGGLQCFPQPPVNPLKVDWGLPIPSPSPI
HPAHHKRDRRQIFLPEPEQPSRLQDPVLVSCDSAPCTVVQCDLQEMARGQRAMVTVLAFLWLPSLYQRPLDQFVLQSHAW
FNVSSLPYAVPPLSLPRGEAQVWTQLLRALEERAIPIWWVLVGVLGGLLLLTILVLAMWKVGFFKRNRPPLEEDDEEGE
;
A
4 'polypeptide(L)'
;MRARPRPRPLWATVLALGALAGVGVGGPNICTTRGVSSCQQCLAVSPMCAWCSDEALPLGSPRCDLKENLLKDNCAPESI
EFPVSEARVLEDRPLSDKGSGDSSQVTQVSPQRIALRLRPDDSKNFSIQVRQVEDYPVDIYYLMDLSYSMKDDLWSIQNL
GTKLATQMRKLTSNLRIGFGAFVDKPVSPYMYISPPEALENPCYDMKTTCLPMFGYKHVLTLTDQVTRFNEEVKKQSVSR
NRDAPEGGFDAIMQATVCDEKIGWRNDASHLLVFTTDAKTHIALDGRLAGIVQPNDGQCHVGSDNHYSASTTMDYPSLGL
MTEKLSQKNINLIFAVTENVVNLYQNYSELIPGTTVGVLSMDSSNVLQLIVDAYGKIRSKVELEVRDLPEELSLSFNATC
LNNEVIPGLKSCMGLKIGDTVSFSIEAKVRGCPQEKEKSFTIKPVGFKDSLIVQVTFDCDCACQAQAEPNSHRCNNGNGT
FECGVCRCGPGWLGSQCECSEEDYRPSQQDECSPREGQPVCSQRGECLCGQCVCHSSDFGKITGKYCECDDFSCVRYKGE
MCSGHGQCSCGDCLCDSDWTGYYCNCTTRTDTCMSSNGLLCSGRGKCECGSCVCIQPGSYGDTCEKCPTCPDACTFKKEC
VECKKFDRGALHDENTCNRYCRDEIESVKELKDTGKDAVNCTYKNEDDCVVRFQYYEDSSGKSILYVVEEPECPKGPDIL
VVLLSVMGAILLIGLAALLIWKLLITIHDRKEFAKFEEERARAKWDTANNPLYKEATSTFTNITYRGT
;
B
#
loop_
_chem_comp.id
_chem_comp.type
_chem_comp.name
_chem_comp.formula
CA non-polymer 'CALCIUM ION' 'Ca 2'
MAN D-saccharide, alpha linking alpha-D-mannopyranose 'C6 H12 O6'
MG non-polymer 'MAGNESIUM ION' 'Mg 2'
NAG D-saccharide, beta linking 2-acetamido-2-deoxy-beta-D-glucopyranose 'C8 H15 N O6'
#
# COMPACT_ATOMS: atom_id res chain seq x y z
N GLU A 1 8.27 -20.58 34.03
CA GLU A 1 7.21 -20.97 34.96
C GLU A 1 6.51 -19.76 35.54
N VAL A 2 5.29 -19.51 35.07
CA VAL A 2 4.40 -18.54 35.69
C VAL A 2 3.09 -19.24 36.04
N LEU A 3 2.68 -19.14 37.30
CA LEU A 3 1.42 -19.71 37.76
C LEU A 3 0.52 -18.57 38.22
N LEU A 4 -0.71 -18.56 37.69
CA LEU A 4 -1.72 -17.59 38.10
C LEU A 4 -2.54 -18.24 39.21
N GLN A 5 -1.92 -18.40 40.36
CA GLN A 5 -2.53 -19.10 41.48
C GLN A 5 -3.65 -18.22 42.05
N GLN A 6 -4.86 -18.73 42.01
CA GLN A 6 -6.06 -17.97 42.34
C GLN A 6 -6.53 -18.31 43.75
N SER A 7 -7.68 -17.78 44.14
CA SER A 7 -8.24 -18.02 45.46
C SER A 7 -8.96 -19.35 45.49
N GLY A 8 -9.70 -19.61 46.56
CA GLY A 8 -10.40 -20.85 46.73
C GLY A 8 -11.90 -20.71 46.46
N PRO A 9 -12.66 -21.74 46.80
CA PRO A 9 -14.12 -21.65 46.64
C PRO A 9 -14.74 -20.65 47.60
N GLU A 10 -15.80 -19.99 47.11
CA GLU A 10 -16.58 -19.03 47.89
C GLU A 10 -18.03 -19.50 47.99
N LEU A 11 -18.76 -18.86 48.90
CA LEU A 11 -20.21 -19.00 49.02
C LEU A 11 -20.77 -17.62 49.35
N VAL A 12 -21.83 -17.23 48.65
CA VAL A 12 -22.40 -15.89 48.81
C VAL A 12 -23.92 -15.97 48.85
N LYS A 13 -24.51 -15.19 49.75
CA LYS A 13 -25.95 -14.96 49.72
C LYS A 13 -26.31 -14.13 48.51
N PRO A 14 -27.46 -14.40 47.87
CA PRO A 14 -27.81 -13.66 46.65
C PRO A 14 -27.97 -12.17 46.92
N GLY A 15 -27.64 -11.37 45.91
CA GLY A 15 -27.71 -9.93 46.02
C GLY A 15 -26.53 -9.28 46.69
N ALA A 16 -25.51 -10.05 47.07
CA ALA A 16 -24.32 -9.53 47.73
C ALA A 16 -23.12 -9.77 46.83
N SER A 17 -22.19 -8.81 46.83
CA SER A 17 -21.02 -8.88 45.97
C SER A 17 -20.04 -9.95 46.47
N VAL A 18 -19.03 -10.21 45.65
CA VAL A 18 -17.96 -11.14 46.00
C VAL A 18 -16.70 -10.71 45.26
N LYS A 19 -15.54 -10.91 45.91
CA LYS A 19 -14.26 -10.52 45.36
C LYS A 19 -13.45 -11.77 45.03
N ILE A 20 -12.90 -11.79 43.83
CA ILE A 20 -12.10 -12.91 43.33
C ILE A 20 -10.69 -12.41 43.04
N PRO A 21 -9.73 -12.70 43.91
CA PRO A 21 -8.35 -12.26 43.67
C PRO A 21 -7.54 -13.29 42.88
N CYS A 22 -6.72 -12.78 41.98
CA CYS A 22 -5.84 -13.61 41.15
C CYS A 22 -4.39 -13.14 41.31
N LYS A 23 -3.62 -13.85 42.13
CA LYS A 23 -2.22 -13.52 42.31
C LYS A 23 -1.39 -14.06 41.14
N THR A 24 -0.40 -13.27 40.72
CA THR A 24 0.55 -13.66 39.69
C THR A 24 1.93 -13.78 40.30
N SER A 25 2.66 -14.83 39.92
CA SER A 25 4.01 -15.05 40.44
C SER A 25 4.97 -15.26 39.29
N GLY A 26 6.24 -14.91 39.53
CA GLY A 26 7.16 -14.78 38.42
C GLY A 26 6.62 -13.69 37.50
N TYR A 27 7.22 -13.60 36.32
CA TYR A 27 6.54 -12.93 35.22
C TYR A 27 6.14 -11.49 35.55
N THR A 28 7.09 -10.56 35.57
CA THR A 28 6.83 -9.17 35.91
C THR A 28 5.44 -8.73 35.42
N PHE A 29 4.68 -8.16 36.35
CA PHE A 29 3.21 -8.16 36.24
C PHE A 29 2.74 -7.38 35.02
N THR A 30 3.32 -6.22 34.77
CA THR A 30 2.77 -5.31 33.77
C THR A 30 3.14 -5.65 32.33
N ASP A 31 3.64 -6.86 32.05
CA ASP A 31 3.93 -7.21 30.67
C ASP A 31 2.66 -7.35 29.84
N SER A 32 1.65 -8.01 30.39
CA SER A 32 0.42 -8.27 29.65
C SER A 32 -0.79 -7.98 30.52
N ASN A 33 -1.95 -7.95 29.87
CA ASN A 33 -3.21 -7.71 30.56
C ASN A 33 -3.55 -8.91 31.44
N MET A 34 -4.65 -8.78 32.18
CA MET A 34 -5.15 -9.85 33.04
C MET A 34 -6.64 -9.99 32.78
N ASP A 35 -7.01 -10.83 31.82
CA ASP A 35 -8.40 -11.04 31.47
C ASP A 35 -9.09 -11.91 32.53
N TRP A 36 -10.35 -12.23 32.29
CA TRP A 36 -11.12 -13.08 33.18
C TRP A 36 -12.11 -13.87 32.35
N VAL A 37 -12.39 -15.11 32.77
CA VAL A 37 -13.32 -15.98 32.07
C VAL A 37 -14.21 -16.67 33.10
N LYS A 38 -15.51 -16.73 32.81
CA LYS A 38 -16.47 -17.45 33.65
C LYS A 38 -16.86 -18.74 32.95
N GLN A 39 -16.68 -19.86 33.64
CA GLN A 39 -17.14 -21.16 33.14
C GLN A 39 -18.36 -21.59 33.95
N SER A 40 -19.49 -21.72 33.28
CA SER A 40 -20.74 -22.00 33.96
C SER A 40 -20.86 -23.49 34.26
N HIS A 41 -22.03 -23.91 34.74
CA HIS A 41 -22.27 -25.30 35.08
C HIS A 41 -22.20 -26.22 33.88
N GLY A 42 -22.54 -25.70 32.69
CA GLY A 42 -22.56 -26.53 31.50
C GLY A 42 -21.20 -26.67 30.84
N LYS A 43 -20.15 -26.23 31.54
CA LYS A 43 -18.78 -26.28 31.03
C LYS A 43 -18.65 -25.56 29.69
N SER A 44 -19.40 -24.47 29.54
CA SER A 44 -19.24 -23.52 28.45
C SER A 44 -18.77 -22.23 29.08
N LEU A 45 -17.60 -21.74 28.65
CA LEU A 45 -16.94 -20.63 29.30
C LEU A 45 -16.87 -19.44 28.35
N GLU A 46 -17.27 -18.28 28.87
CA GLU A 46 -17.23 -17.02 28.13
C GLU A 46 -16.52 -16.01 29.01
N TRP A 47 -15.77 -15.11 28.39
CA TRP A 47 -14.85 -14.31 29.19
C TRP A 47 -15.58 -13.05 29.65
N ILE A 48 -15.00 -12.39 30.64
CA ILE A 48 -15.75 -11.37 31.37
C ILE A 48 -15.19 -9.99 31.11
N GLY A 49 -13.94 -9.76 31.48
CA GLY A 49 -13.39 -8.43 31.40
C GLY A 49 -11.89 -8.46 31.32
N ASP A 50 -11.36 -7.50 30.59
CA ASP A 50 -9.93 -7.25 30.50
C ASP A 50 -9.58 -6.12 31.45
N ILE A 51 -8.30 -6.02 31.81
CA ILE A 51 -7.81 -4.87 32.56
C ILE A 51 -6.33 -4.71 32.25
N ASN A 52 -5.88 -3.47 32.14
CA ASN A 52 -4.50 -3.20 31.76
C ASN A 52 -3.68 -2.82 32.98
N PRO A 53 -2.66 -3.61 33.35
CA PRO A 53 -1.94 -3.31 34.60
C PRO A 53 -1.29 -1.93 34.63
N ASN A 54 -0.77 -1.42 33.52
CA ASN A 54 -0.14 -0.10 33.54
C ASN A 54 -1.14 0.98 33.91
N ASN A 55 -2.35 0.89 33.37
CA ASN A 55 -3.40 1.85 33.65
C ASN A 55 -4.72 1.13 33.46
N GLY A 56 -5.63 1.27 34.42
CA GLY A 56 -6.84 0.47 34.39
C GLY A 56 -7.61 0.64 33.10
N GLY A 57 -7.56 -0.39 32.25
CA GLY A 57 -8.20 -0.35 30.95
C GLY A 57 -9.65 -0.77 31.03
N THR A 58 -9.92 -1.84 31.76
CA THR A 58 -11.27 -2.33 32.02
C THR A 58 -12.06 -2.49 30.72
N LEU A 59 -11.56 -3.38 29.87
CA LEU A 59 -12.27 -3.76 28.67
C LEU A 59 -13.18 -4.95 28.97
N TYR A 60 -14.48 -4.77 28.79
CA TYR A 60 -15.47 -5.73 29.27
C TYR A 60 -16.11 -6.46 28.10
N ASN A 61 -17.00 -7.39 28.46
CA ASN A 61 -17.70 -8.25 27.51
C ASN A 61 -19.02 -7.66 27.06
N GLN A 62 -19.39 -6.48 27.58
CA GLN A 62 -20.65 -5.78 27.37
C GLN A 62 -21.86 -6.65 27.69
N LYS A 63 -21.63 -7.83 28.27
CA LYS A 63 -22.67 -8.64 28.90
C LYS A 63 -22.49 -8.71 30.40
N PHE A 64 -21.24 -8.69 30.87
CA PHE A 64 -20.92 -8.59 32.28
C PHE A 64 -20.53 -7.16 32.67
N LYS A 65 -20.72 -6.20 31.77
CA LYS A 65 -20.13 -4.87 31.94
C LYS A 65 -20.58 -4.20 33.24
N ASP A 66 -21.74 -4.57 33.77
CA ASP A 66 -22.25 -3.92 34.97
C ASP A 66 -21.70 -4.56 36.23
N LYS A 67 -21.83 -5.88 36.35
CA LYS A 67 -21.56 -6.58 37.61
C LYS A 67 -20.18 -7.23 37.61
N ALA A 68 -19.23 -6.61 36.91
CA ALA A 68 -17.85 -7.14 36.94
C ALA A 68 -16.87 -5.99 37.12
N THR A 69 -16.97 -5.25 38.23
CA THR A 69 -16.06 -4.11 38.48
C THR A 69 -14.63 -4.64 38.59
N LEU A 70 -13.90 -4.71 37.48
CA LEU A 70 -12.54 -5.31 37.48
C LEU A 70 -11.56 -4.35 38.16
N THR A 71 -10.83 -4.83 39.15
CA THR A 71 -9.83 -3.99 39.86
C THR A 71 -8.46 -4.66 39.72
N ILE A 72 -7.40 -4.05 40.25
CA ILE A 72 -6.03 -4.61 40.08
C ILE A 72 -5.12 -4.13 41.21
N ASP A 73 -4.05 -4.88 41.48
CA ASP A 73 -3.05 -4.46 42.51
C ASP A 73 -1.68 -4.54 41.85
N LYS A 74 -1.30 -3.51 41.10
CA LYS A 74 0.00 -3.52 40.36
C LYS A 74 1.14 -3.85 41.33
N SER A 75 1.15 -3.21 42.50
CA SER A 75 2.26 -3.41 43.48
C SER A 75 2.31 -4.87 43.96
N SER A 76 1.17 -5.46 44.30
CA SER A 76 1.18 -6.85 44.86
C SER A 76 0.97 -7.89 43.76
N SER A 77 1.07 -7.49 42.48
CA SER A 77 0.87 -8.41 41.34
C SER A 77 -0.42 -9.22 41.51
N THR A 78 -1.52 -8.56 41.92
CA THR A 78 -2.82 -9.24 42.07
C THR A 78 -3.81 -8.63 41.09
N ALA A 79 -4.92 -9.31 40.82
CA ALA A 79 -5.97 -8.77 39.92
C ALA A 79 -7.34 -9.21 40.45
N TYR A 80 -8.30 -8.29 40.49
CA TYR A 80 -9.63 -8.62 41.06
C TYR A 80 -10.68 -8.48 39.96
N MET A 81 -11.91 -8.91 40.23
CA MET A 81 -13.00 -8.71 39.25
C MET A 81 -14.26 -8.27 40.01
N GLU A 82 -14.21 -8.28 41.35
CA GLU A 82 -15.34 -7.83 42.21
C GLU A 82 -16.70 -7.99 41.52
N LEU A 83 -17.20 -9.22 41.41
CA LEU A 83 -18.56 -9.42 40.85
C LEU A 83 -19.55 -8.71 41.78
N ARG A 84 -20.62 -8.14 41.24
CA ARG A 84 -21.64 -7.52 42.14
C ARG A 84 -23.02 -8.11 41.90
N THR A 85 -24.03 -7.69 42.69
CA THR A 85 -25.44 -8.14 42.61
C THR A 85 -25.56 -9.56 42.09
N LEU A 86 -24.88 -10.48 42.78
CA LEU A 86 -24.86 -11.88 42.36
C LEU A 86 -26.25 -12.50 42.45
N THR A 87 -26.52 -13.41 41.53
CA THR A 87 -27.79 -14.13 41.48
C THR A 87 -27.51 -15.62 41.45
N SER A 88 -28.58 -16.41 41.57
CA SER A 88 -28.46 -17.86 41.53
C SER A 88 -27.97 -18.38 40.18
N GLU A 89 -28.13 -17.60 39.11
CA GLU A 89 -27.74 -18.03 37.78
C GLU A 89 -26.26 -17.81 37.49
N ASP A 90 -25.56 -17.07 38.33
CA ASP A 90 -24.14 -16.77 38.12
C ASP A 90 -23.26 -17.49 39.14
N THR A 91 -23.61 -18.73 39.46
CA THR A 91 -22.73 -19.62 40.20
C THR A 91 -21.93 -20.42 39.19
N ALA A 92 -20.60 -20.30 39.25
CA ALA A 92 -19.74 -20.82 38.18
C ALA A 92 -18.31 -20.82 38.68
N VAL A 93 -17.39 -21.14 37.77
CA VAL A 93 -15.96 -21.13 38.05
C VAL A 93 -15.34 -19.97 37.27
N TYR A 94 -14.60 -19.11 37.97
CA TYR A 94 -14.10 -17.88 37.40
C TYR A 94 -12.59 -17.92 37.31
N TYR A 95 -12.08 -18.14 36.10
CA TYR A 95 -10.65 -18.14 35.84
C TYR A 95 -10.14 -16.71 35.70
N CYS A 96 -8.84 -16.53 35.87
CA CYS A 96 -8.23 -15.21 35.95
C CYS A 96 -7.13 -15.06 34.91
N THR A 97 -7.50 -15.37 33.66
CA THR A 97 -6.54 -15.55 32.58
C THR A 97 -5.72 -14.31 32.27
N ARG A 98 -4.70 -14.53 31.44
CA ARG A 98 -3.74 -13.51 31.01
C ARG A 98 -3.72 -13.47 29.49
N SER A 99 -3.71 -12.25 28.92
CA SER A 99 -3.95 -12.10 27.50
C SER A 99 -2.71 -12.41 26.67
N TYR A 100 -1.65 -11.63 26.76
CA TYR A 100 -0.37 -11.85 26.03
C TYR A 100 -0.54 -12.04 24.52
N TYR A 101 -0.57 -10.94 23.76
CA TYR A 101 -0.63 -11.04 22.27
C TYR A 101 -1.89 -11.77 21.81
N GLY A 102 -3.04 -11.50 22.45
CA GLY A 102 -4.33 -12.08 22.01
C GLY A 102 -4.44 -13.59 22.15
N ARG A 103 -3.86 -14.15 23.21
CA ARG A 103 -4.06 -15.58 23.53
C ARG A 103 -4.71 -15.56 24.91
N PHE A 104 -4.65 -16.66 25.67
CA PHE A 104 -5.10 -16.63 27.08
C PHE A 104 -4.10 -17.48 27.85
N ASP A 105 -2.87 -17.57 27.34
CA ASP A 105 -1.80 -18.38 27.97
C ASP A 105 -1.81 -18.25 29.49
N TYR A 106 -1.89 -19.37 30.21
CA TYR A 106 -1.87 -19.38 31.70
C TYR A 106 -3.21 -18.90 32.27
N TRP A 107 -3.84 -19.74 33.09
CA TRP A 107 -5.16 -19.39 33.68
C TRP A 107 -5.05 -19.56 35.19
N GLY A 108 -4.74 -20.78 35.64
CA GLY A 108 -4.50 -21.02 37.07
C GLY A 108 -5.73 -21.41 37.88
N GLN A 109 -5.65 -22.52 38.62
CA GLN A 109 -6.74 -22.97 39.52
C GLN A 109 -8.13 -22.76 38.92
N GLY A 110 -8.84 -21.72 39.36
CA GLY A 110 -10.23 -21.50 38.92
C GLY A 110 -11.09 -21.36 40.16
N THR A 111 -11.65 -20.17 40.40
CA THR A 111 -12.39 -19.95 41.68
C THR A 111 -13.83 -20.46 41.60
N ALA A 112 -14.13 -21.59 42.26
CA ALA A 112 -15.51 -22.02 42.36
C ALA A 112 -16.34 -20.99 43.12
N LEU A 113 -17.43 -20.57 42.52
CA LEU A 113 -18.35 -19.64 43.15
C LEU A 113 -19.71 -20.31 43.31
N THR A 114 -20.38 -20.03 44.43
CA THR A 114 -21.66 -20.64 44.73
C THR A 114 -22.58 -19.58 45.32
N VAL A 115 -23.84 -19.60 44.88
CA VAL A 115 -24.85 -18.66 45.33
C VAL A 115 -26.00 -19.43 45.93
N SER A 116 -26.40 -19.06 47.14
CA SER A 116 -27.46 -19.79 47.85
C SER A 116 -28.67 -18.90 48.11
N ASP B 1 -21.40 -10.09 18.20
CA ASP B 1 -20.12 -10.76 18.35
C ASP B 1 -20.01 -11.97 17.41
N ILE B 2 -18.99 -12.78 17.62
CA ILE B 2 -18.73 -13.94 16.77
C ILE B 2 -18.96 -15.19 17.59
N GLN B 3 -19.86 -16.05 17.12
CA GLN B 3 -20.28 -17.23 17.86
C GLN B 3 -19.54 -18.45 17.33
N MET B 4 -18.79 -19.09 18.22
CA MET B 4 -17.91 -20.19 17.86
C MET B 4 -18.58 -21.51 18.24
N THR B 5 -18.62 -22.43 17.28
CA THR B 5 -19.33 -23.68 17.50
C THR B 5 -18.43 -24.89 17.21
N GLN B 6 -18.41 -25.82 18.16
CA GLN B 6 -17.80 -27.13 17.97
C GLN B 6 -18.94 -28.15 17.90
N THR B 7 -19.22 -28.65 16.69
CA THR B 7 -20.37 -29.53 16.49
C THR B 7 -20.29 -30.74 17.42
N THR B 8 -19.25 -31.55 17.25
CA THR B 8 -19.06 -32.74 18.08
C THR B 8 -18.63 -32.31 19.47
N SER B 9 -19.57 -32.28 20.41
CA SER B 9 -19.29 -31.96 21.79
C SER B 9 -18.78 -33.14 22.60
N SER B 10 -18.74 -34.34 21.99
CA SER B 10 -18.26 -35.54 22.68
C SER B 10 -17.62 -36.44 21.63
N LEU B 11 -16.31 -36.38 21.52
CA LEU B 11 -15.56 -37.20 20.59
C LEU B 11 -14.90 -38.35 21.34
N SER B 12 -14.64 -39.45 20.62
CA SER B 12 -14.13 -40.66 21.25
C SER B 12 -13.32 -41.46 20.25
N ALA B 13 -12.16 -41.96 20.69
CA ALA B 13 -11.35 -42.87 19.89
C ALA B 13 -10.34 -43.55 20.78
N SER B 14 -9.73 -44.61 20.26
CA SER B 14 -8.77 -45.39 21.02
C SER B 14 -7.49 -44.59 21.25
N LEU B 15 -6.73 -45.01 22.26
CA LEU B 15 -5.46 -44.39 22.58
C LEU B 15 -4.46 -44.59 21.45
N GLY B 16 -3.42 -43.75 21.44
CA GLY B 16 -2.39 -43.84 20.42
C GLY B 16 -2.86 -43.54 19.01
N ASP B 17 -4.03 -42.93 18.85
CA ASP B 17 -4.64 -42.70 17.55
C ASP B 17 -4.72 -41.19 17.32
N ARG B 18 -5.08 -40.79 16.11
CA ARG B 18 -5.24 -39.40 15.72
C ARG B 18 -6.71 -39.04 15.66
N VAL B 19 -7.07 -37.92 16.29
CA VAL B 19 -8.41 -37.37 16.18
C VAL B 19 -8.31 -35.87 15.90
N THR B 20 -9.34 -35.34 15.24
CA THR B 20 -9.35 -33.96 14.76
C THR B 20 -10.52 -33.22 15.41
N ILE B 21 -10.20 -32.30 16.31
CA ILE B 21 -11.23 -31.48 16.94
C ILE B 21 -11.62 -30.38 15.96
N SER B 22 -12.85 -30.43 15.46
CA SER B 22 -13.31 -29.40 14.55
C SER B 22 -13.73 -28.15 15.31
N CYS B 23 -13.82 -27.04 14.58
CA CYS B 23 -14.26 -25.77 15.15
C CYS B 23 -14.60 -24.83 14.01
N ARG B 24 -15.76 -24.19 14.09
CA ARG B 24 -16.21 -23.29 12.99
C ARG B 24 -16.46 -21.87 13.52
N ALA B 25 -16.21 -20.87 12.67
CA ALA B 25 -16.47 -19.46 13.05
C ALA B 25 -17.71 -18.98 12.30
N SER B 26 -18.66 -18.37 13.00
CA SER B 26 -19.87 -17.84 12.34
C SER B 26 -19.48 -16.78 11.31
N GLN B 27 -18.69 -15.78 11.73
CA GLN B 27 -18.22 -14.74 10.79
C GLN B 27 -16.78 -15.08 10.37
N ASP B 28 -16.45 -14.84 9.10
CA ASP B 28 -15.10 -15.20 8.58
C ASP B 28 -14.02 -14.45 9.35
N ILE B 29 -13.23 -15.17 10.17
CA ILE B 29 -12.09 -14.51 10.85
C ILE B 29 -10.83 -14.86 10.04
N SER B 30 -9.65 -14.41 10.47
CA SER B 30 -8.44 -14.66 9.64
C SER B 30 -7.82 -16.01 10.02
N ASN B 31 -6.69 -15.98 10.72
CA ASN B 31 -6.07 -17.24 11.21
C ASN B 31 -5.87 -17.06 12.72
N TYR B 32 -6.66 -16.17 13.32
CA TYR B 32 -6.58 -15.96 14.79
C TYR B 32 -7.51 -16.97 15.44
N LEU B 33 -6.95 -18.02 16.05
CA LEU B 33 -7.76 -19.01 16.76
C LEU B 33 -6.86 -19.84 17.65
N ASN B 34 -7.04 -19.69 18.96
CA ASN B 34 -6.28 -20.43 19.93
C ASN B 34 -6.91 -21.81 20.14
N TRP B 35 -6.39 -22.53 21.13
CA TRP B 35 -6.89 -23.84 21.50
C TRP B 35 -6.52 -24.11 22.94
N TYR B 36 -7.51 -24.55 23.73
CA TYR B 36 -7.31 -24.67 25.16
C TYR B 36 -7.65 -26.08 25.59
N GLN B 37 -6.77 -26.69 26.37
CA GLN B 37 -7.00 -28.00 26.94
C GLN B 37 -7.42 -27.82 28.40
N GLN B 38 -8.65 -28.23 28.71
CA GLN B 38 -9.15 -28.22 30.07
C GLN B 38 -9.50 -29.64 30.48
N LYS B 39 -8.75 -30.19 31.42
CA LYS B 39 -8.99 -31.53 31.91
C LYS B 39 -9.83 -31.48 33.18
N SER B 40 -10.10 -32.65 33.75
CA SER B 40 -10.98 -32.72 34.91
C SER B 40 -10.42 -31.91 36.07
N ASP B 41 -11.32 -31.23 36.79
CA ASP B 41 -10.98 -30.40 37.93
C ASP B 41 -10.06 -29.24 37.51
N GLY B 42 -10.56 -28.43 36.59
CA GLY B 42 -9.89 -27.18 36.24
C GLY B 42 -8.56 -27.41 35.56
N THR B 43 -7.60 -26.55 35.90
CA THR B 43 -6.26 -26.55 35.32
C THR B 43 -6.33 -26.58 33.79
N VAL B 44 -6.90 -25.51 33.25
CA VAL B 44 -6.95 -25.30 31.82
C VAL B 44 -5.69 -24.58 31.38
N LYS B 45 -5.03 -25.11 30.36
CA LYS B 45 -3.80 -24.55 29.84
C LYS B 45 -3.97 -24.26 28.35
N LEU B 46 -2.99 -23.61 27.76
CA LEU B 46 -3.09 -23.12 26.39
C LEU B 46 -2.36 -24.09 25.46
N LEU B 47 -3.09 -24.61 24.49
CA LEU B 47 -2.52 -25.36 23.38
C LEU B 47 -2.12 -24.39 22.27
N ILE B 48 -1.93 -24.94 21.07
CA ILE B 48 -1.55 -24.17 19.89
C ILE B 48 -2.33 -22.86 19.79
N TYR B 49 -1.63 -21.77 19.50
CA TYR B 49 -2.27 -20.47 19.33
C TYR B 49 -2.06 -19.97 17.90
N TYR B 50 -2.92 -19.03 17.50
CA TYR B 50 -2.92 -18.47 16.15
C TYR B 50 -3.04 -19.57 15.10
N THR B 51 -3.81 -20.60 15.48
CA THR B 51 -4.26 -21.72 14.66
C THR B 51 -3.16 -22.73 14.34
N SER B 52 -1.88 -22.34 14.49
CA SER B 52 -0.79 -23.32 14.59
C SER B 52 0.45 -22.62 15.13
N ARG B 53 0.62 -22.64 16.46
CA ARG B 53 1.86 -22.24 17.12
C ARG B 53 1.87 -22.97 18.46
N LEU B 54 2.62 -24.07 18.53
CA LEU B 54 2.70 -24.82 19.77
C LEU B 54 3.18 -23.93 20.91
N HIS B 55 2.52 -24.04 22.06
CA HIS B 55 2.94 -23.29 23.22
C HIS B 55 4.30 -23.78 23.71
N SER B 56 4.87 -23.07 24.67
CA SER B 56 6.19 -23.44 25.17
C SER B 56 6.18 -24.82 25.82
N GLY B 57 5.26 -25.03 26.76
CA GLY B 57 5.23 -26.26 27.53
C GLY B 57 4.25 -27.31 27.04
N VAL B 58 4.18 -27.52 25.73
CA VAL B 58 3.22 -28.47 25.17
C VAL B 58 3.96 -29.46 24.28
N PRO B 59 3.53 -30.73 24.21
CA PRO B 59 4.15 -31.67 23.27
C PRO B 59 4.03 -31.24 21.82
N SER B 60 4.73 -31.94 20.92
CA SER B 60 4.75 -31.60 19.51
C SER B 60 3.71 -32.36 18.70
N ARG B 61 2.82 -33.08 19.37
CA ARG B 61 1.75 -33.81 18.69
C ARG B 61 0.61 -32.91 18.24
N PHE B 62 0.33 -31.86 19.00
CA PHE B 62 -0.74 -30.93 18.66
C PHE B 62 -0.39 -30.11 17.43
N SER B 63 -1.37 -29.92 16.55
CA SER B 63 -1.21 -29.07 15.38
C SER B 63 -2.59 -28.72 14.82
N GLY B 64 -2.71 -27.49 14.31
CA GLY B 64 -3.95 -27.01 13.75
C GLY B 64 -3.79 -26.64 12.29
N SER B 65 -4.83 -26.85 11.51
CA SER B 65 -4.80 -26.66 10.06
C SER B 65 -6.04 -25.91 9.59
N GLY B 66 -6.37 -24.83 10.27
CA GLY B 66 -7.53 -24.04 9.94
C GLY B 66 -7.20 -22.81 9.11
N SER B 67 -8.21 -22.35 8.37
CA SER B 67 -8.09 -21.13 7.57
C SER B 67 -9.48 -20.66 7.19
N GLY B 68 -9.79 -19.41 7.49
CA GLY B 68 -11.09 -18.86 7.18
C GLY B 68 -12.07 -19.02 8.32
N THR B 69 -12.92 -20.04 8.23
CA THR B 69 -13.86 -20.37 9.29
C THR B 69 -13.70 -21.79 9.81
N ASP B 70 -13.13 -22.69 9.01
CA ASP B 70 -13.06 -24.11 9.34
C ASP B 70 -11.71 -24.40 9.96
N TYR B 71 -11.69 -24.56 11.27
CA TYR B 71 -10.46 -24.76 12.04
C TYR B 71 -10.45 -26.15 12.64
N SER B 72 -9.25 -26.62 12.97
CA SER B 72 -9.10 -27.98 13.46
C SER B 72 -7.90 -28.06 14.40
N LEU B 73 -7.91 -29.10 15.23
CA LEU B 73 -6.77 -29.47 16.06
C LEU B 73 -6.58 -30.97 15.86
N THR B 74 -5.61 -31.36 15.05
CA THR B 74 -5.33 -32.76 14.81
C THR B 74 -4.24 -33.24 15.77
N ILE B 75 -4.67 -33.82 16.89
CA ILE B 75 -3.78 -34.42 17.87
C ILE B 75 -3.35 -35.79 17.36
N SER B 76 -2.06 -36.06 17.44
CA SER B 76 -1.49 -37.33 17.00
C SER B 76 -0.97 -38.10 18.20
N ASN B 77 -1.09 -39.43 18.12
CA ASN B 77 -0.65 -40.33 19.19
C ASN B 77 -1.36 -39.93 20.48
N LEU B 78 -2.66 -40.21 20.51
CA LEU B 78 -3.49 -39.85 21.65
C LEU B 78 -3.06 -40.64 22.88
N GLU B 79 -2.41 -39.98 23.83
CA GLU B 79 -1.95 -40.62 25.04
C GLU B 79 -3.08 -40.61 26.07
N GLN B 80 -2.80 -41.16 27.25
CA GLN B 80 -3.76 -41.16 28.36
C GLN B 80 -3.88 -39.79 29.00
N GLU B 81 -2.88 -38.93 28.84
CA GLU B 81 -2.84 -37.61 29.45
C GLU B 81 -3.50 -36.54 28.59
N ASP B 82 -4.06 -36.90 27.44
CA ASP B 82 -4.65 -35.94 26.52
C ASP B 82 -6.17 -35.94 26.55
N ILE B 83 -6.80 -36.65 27.48
CA ILE B 83 -8.25 -36.64 27.57
C ILE B 83 -8.67 -35.39 28.36
N ALA B 84 -9.45 -34.53 27.73
CA ALA B 84 -9.82 -33.25 28.32
C ALA B 84 -10.91 -32.64 27.45
N THR B 85 -11.39 -31.47 27.86
CA THR B 85 -12.29 -30.67 27.06
C THR B 85 -11.46 -29.64 26.30
N TYR B 86 -11.60 -29.62 24.98
CA TYR B 86 -10.81 -28.74 24.13
C TYR B 86 -11.69 -27.61 23.64
N PHE B 87 -11.32 -26.39 23.97
CA PHE B 87 -12.09 -25.21 23.62
C PHE B 87 -11.33 -24.38 22.58
N CYS B 88 -12.03 -23.96 21.54
CA CYS B 88 -11.47 -23.10 20.51
C CYS B 88 -11.95 -21.68 20.73
N GLN B 89 -11.03 -20.73 20.65
CA GLN B 89 -11.29 -19.34 21.01
C GLN B 89 -10.91 -18.46 19.83
N GLN B 90 -11.71 -17.42 19.57
CA GLN B 90 -11.66 -16.76 18.27
C GLN B 90 -10.68 -15.57 18.29
N GLY B 91 -10.62 -14.85 19.40
CA GLY B 91 -9.62 -13.81 19.61
C GLY B 91 -9.34 -12.85 18.48
N ASN B 92 -10.32 -12.60 17.61
CA ASN B 92 -10.15 -11.63 16.55
C ASN B 92 -10.80 -10.31 16.93
N THR B 93 -12.09 -10.35 17.27
CA THR B 93 -12.87 -9.16 17.54
C THR B 93 -13.43 -9.25 18.95
N LEU B 94 -13.41 -8.14 19.66
CA LEU B 94 -14.00 -8.10 20.98
C LEU B 94 -15.50 -8.35 20.87
N PRO B 95 -16.06 -9.26 21.68
CA PRO B 95 -15.37 -10.09 22.65
C PRO B 95 -14.95 -11.47 22.12
N PRO B 96 -13.77 -11.94 22.51
CA PRO B 96 -13.36 -13.30 22.13
C PRO B 96 -14.26 -14.36 22.75
N THR B 97 -14.96 -15.09 21.90
CA THR B 97 -15.92 -16.10 22.35
C THR B 97 -15.33 -17.49 22.13
N PHE B 98 -15.42 -18.32 23.16
CA PHE B 98 -14.85 -19.66 23.11
C PHE B 98 -15.82 -20.62 22.42
N GLY B 99 -15.36 -21.85 22.22
CA GLY B 99 -16.16 -22.86 21.58
C GLY B 99 -17.05 -23.58 22.57
N GLY B 100 -17.79 -24.56 22.04
CA GLY B 100 -18.70 -25.32 22.87
C GLY B 100 -17.99 -26.33 23.76
N GLY B 101 -16.77 -26.70 23.42
CA GLY B 101 -16.02 -27.64 24.22
C GLY B 101 -16.20 -29.07 23.77
N THR B 102 -15.12 -29.72 23.36
CA THR B 102 -15.17 -31.10 22.88
C THR B 102 -14.68 -32.02 23.98
N LYS B 103 -15.58 -32.84 24.56
CA LYS B 103 -15.14 -33.84 25.56
C LYS B 103 -14.40 -34.96 24.83
N LEU B 104 -13.22 -35.36 25.35
CA LEU B 104 -12.48 -36.48 24.73
C LEU B 104 -12.64 -37.75 25.57
N GLU B 105 -12.72 -38.91 24.92
CA GLU B 105 -12.88 -40.20 25.66
C GLU B 105 -11.96 -41.27 25.05
N ILE B 106 -11.11 -41.88 25.87
CA ILE B 106 -10.24 -42.99 25.37
C ILE B 106 -11.10 -44.23 25.19
N LYS B 107 -10.97 -44.92 24.06
CA LYS B 107 -11.75 -46.16 23.80
C LYS B 107 -10.79 -47.35 23.70
N LEU C 32 7.73 18.29 17.93
CA LEU C 32 7.42 19.41 18.80
C LEU C 32 8.61 20.32 18.99
N ASN C 33 9.80 19.72 19.03
CA ASN C 33 11.02 20.39 19.45
C ASN C 33 12.16 20.08 18.48
N LEU C 34 11.90 20.27 17.17
CA LEU C 34 12.89 19.99 16.14
C LEU C 34 13.31 21.29 15.46
N ASP C 35 13.65 22.31 16.26
CA ASP C 35 13.92 23.67 15.82
C ASP C 35 14.70 23.70 14.51
N PRO C 36 14.08 24.16 13.43
CA PRO C 36 14.72 24.12 12.10
C PRO C 36 15.45 25.40 11.70
N VAL C 37 15.64 26.35 12.61
CA VAL C 37 16.26 27.62 12.24
C VAL C 37 17.71 27.43 11.86
N GLN C 38 18.41 26.47 12.49
CA GLN C 38 19.83 26.23 12.24
C GLN C 38 20.01 24.73 11.95
N LEU C 39 19.88 24.36 10.68
CA LEU C 39 20.08 22.98 10.27
C LEU C 39 21.57 22.71 10.09
N THR C 40 21.88 21.51 9.59
CA THR C 40 23.22 21.18 9.11
C THR C 40 23.04 20.38 7.83
N PHE C 41 23.52 20.91 6.71
CA PHE C 41 23.27 20.32 5.40
C PHE C 41 24.49 19.52 4.96
N TYR C 42 24.28 18.22 4.71
CA TYR C 42 25.30 17.36 4.15
C TYR C 42 25.03 17.21 2.66
N ALA C 43 26.01 17.58 1.85
CA ALA C 43 25.85 17.60 0.40
C ALA C 43 26.77 16.60 -0.25
N GLY C 44 26.25 15.93 -1.29
CA GLY C 44 27.02 14.96 -2.03
C GLY C 44 27.28 15.44 -3.44
N PRO C 45 27.86 14.58 -4.27
CA PRO C 45 28.16 14.98 -5.65
C PRO C 45 26.88 15.35 -6.39
N ASN C 46 26.97 16.42 -7.18
CA ASN C 46 25.80 16.95 -7.87
C ASN C 46 25.31 15.97 -8.93
N GLY C 47 24.00 15.70 -8.93
CA GLY C 47 23.43 14.76 -9.85
C GLY C 47 23.46 13.31 -9.41
N SER C 48 23.71 13.05 -8.13
CA SER C 48 23.91 11.68 -7.65
C SER C 48 22.81 11.19 -6.71
N GLN C 49 21.75 11.97 -6.49
CA GLN C 49 20.66 11.59 -5.60
C GLN C 49 21.16 11.32 -4.18
N PHE C 50 22.25 11.96 -3.78
CA PHE C 50 22.80 11.81 -2.45
C PHE C 50 21.73 12.14 -1.42
N GLY C 51 21.31 11.14 -0.64
CA GLY C 51 20.19 11.29 0.27
C GLY C 51 19.01 10.40 -0.07
N PHE C 52 19.10 9.59 -1.11
CA PHE C 52 18.02 8.67 -1.48
C PHE C 52 17.63 7.79 -0.31
N SER C 53 18.61 7.31 0.45
CA SER C 53 18.34 6.42 1.57
C SER C 53 19.48 6.59 2.56
N LEU C 54 19.15 6.74 3.82
CA LEU C 54 20.11 7.04 4.86
C LEU C 54 19.78 6.28 6.13
N ASP C 55 20.78 6.19 7.00
CA ASP C 55 20.63 5.61 8.32
C ASP C 55 21.86 5.97 9.15
N PHE C 56 21.67 6.09 10.45
CA PHE C 56 22.79 6.42 11.31
C PHE C 56 23.73 5.22 11.44
N HIS C 57 24.90 5.47 12.03
CA HIS C 57 25.86 4.39 12.27
C HIS C 57 26.71 4.80 13.46
N LYS C 58 26.55 4.09 14.57
CA LYS C 58 27.35 4.37 15.77
C LYS C 58 28.68 3.65 15.64
N ASP C 59 29.77 4.42 15.62
CA ASP C 59 31.10 3.85 15.44
C ASP C 59 31.54 3.20 16.75
N SER C 60 32.79 2.76 16.82
CA SER C 60 33.29 2.09 18.03
C SER C 60 33.35 3.03 19.23
N HIS C 61 33.44 4.33 19.00
CA HIS C 61 33.58 5.30 20.07
C HIS C 61 32.26 5.93 20.48
N GLY C 62 31.15 5.46 19.93
CA GLY C 62 29.88 6.15 20.13
C GLY C 62 29.74 7.41 19.29
N ARG C 63 30.63 7.63 18.33
CA ARG C 63 30.56 8.78 17.43
C ARG C 63 29.51 8.48 16.38
N VAL C 64 28.32 9.01 16.56
CA VAL C 64 27.22 8.76 15.63
C VAL C 64 27.57 9.42 14.30
N ALA C 65 27.85 8.60 13.30
CA ALA C 65 28.13 9.09 11.96
C ALA C 65 26.99 8.69 11.03
N ILE C 66 26.66 9.58 10.11
CA ILE C 66 25.53 9.38 9.21
C ILE C 66 26.00 8.58 8.01
N VAL C 67 25.27 7.52 7.68
CA VAL C 67 25.45 6.82 6.42
C VAL C 67 24.39 7.30 5.46
N VAL C 68 24.81 7.71 4.27
CA VAL C 68 23.90 8.24 3.26
C VAL C 68 24.13 7.50 1.95
N GLY C 69 23.06 7.03 1.35
CA GLY C 69 23.17 6.31 0.10
C GLY C 69 22.92 7.19 -1.10
N ALA C 70 23.85 7.18 -2.05
CA ALA C 70 23.75 7.98 -3.27
C ALA C 70 23.74 7.03 -4.46
N PRO C 71 22.57 6.61 -4.93
CA PRO C 71 22.50 5.56 -5.96
C PRO C 71 22.96 6.01 -7.34
N ARG C 72 23.44 7.24 -7.52
CA ARG C 72 23.83 7.70 -8.84
C ARG C 72 25.22 8.30 -8.86
N THR C 73 25.99 8.17 -7.79
CA THR C 73 27.36 8.64 -7.78
C THR C 73 28.16 7.93 -8.88
N LEU C 74 28.99 8.71 -9.57
CA LEU C 74 29.79 8.15 -10.65
C LEU C 74 30.85 7.20 -10.10
N GLY C 75 31.10 6.12 -10.84
CA GLY C 75 32.08 5.14 -10.44
C GLY C 75 33.44 5.40 -11.09
N PRO C 76 34.20 4.33 -11.31
CA PRO C 76 35.50 4.48 -11.97
C PRO C 76 35.45 4.43 -13.48
N SER C 77 34.31 4.09 -14.07
CA SER C 77 34.15 4.00 -15.52
C SER C 77 33.34 5.17 -16.07
N GLN C 78 33.31 6.29 -15.34
CA GLN C 78 32.46 7.43 -15.67
C GLN C 78 31.00 7.00 -15.85
N GLU C 79 30.57 6.04 -15.04
CA GLU C 79 29.21 5.52 -15.09
C GLU C 79 28.62 5.59 -13.69
N GLU C 80 27.31 5.80 -13.63
CA GLU C 80 26.59 5.93 -12.37
C GLU C 80 26.36 4.54 -11.80
N THR C 81 27.10 4.20 -10.75
CA THR C 81 27.01 2.90 -10.11
C THR C 81 26.87 3.05 -8.61
N GLY C 82 26.09 4.04 -8.17
CA GLY C 82 25.85 4.18 -6.76
C GLY C 82 27.07 4.63 -5.98
N GLY C 83 26.99 4.46 -4.68
CA GLY C 83 28.03 4.87 -3.77
C GLY C 83 27.41 5.24 -2.43
N VAL C 84 28.20 5.13 -1.37
CA VAL C 84 27.73 5.34 -0.01
C VAL C 84 28.67 6.30 0.68
N PHE C 85 28.11 7.30 1.34
CA PHE C 85 28.88 8.42 1.90
C PHE C 85 28.72 8.41 3.41
N LEU C 86 29.70 7.84 4.10
CA LEU C 86 29.66 7.77 5.56
C LEU C 86 29.94 9.16 6.13
N CYS C 87 28.90 9.95 6.31
CA CYS C 87 29.06 11.31 6.79
C CYS C 87 29.36 11.33 8.28
N PRO C 88 30.50 11.86 8.71
CA PRO C 88 30.69 12.10 10.14
C PRO C 88 29.82 13.27 10.59
N TRP C 89 29.48 13.29 11.88
CA TRP C 89 28.64 14.36 12.39
C TRP C 89 29.45 15.63 12.56
N ARG C 90 29.28 16.55 11.62
CA ARG C 90 29.85 17.89 11.71
C ARG C 90 28.72 18.88 11.88
N ALA C 91 28.84 19.78 12.85
CA ALA C 91 27.83 20.81 13.05
C ALA C 91 27.79 21.83 11.90
N GLU C 92 28.60 21.63 10.86
CA GLU C 92 28.60 22.50 9.69
C GLU C 92 28.15 21.81 8.42
N GLY C 93 27.95 20.50 8.44
CA GLY C 93 27.54 19.81 7.24
C GLY C 93 28.63 19.83 6.18
N GLY C 94 28.21 19.90 4.92
CA GLY C 94 29.14 19.92 3.81
C GLY C 94 29.29 18.57 3.14
N GLN C 95 30.45 18.38 2.53
CA GLN C 95 30.71 17.15 1.78
C GLN C 95 30.99 15.99 2.74
N CYS C 96 31.15 14.80 2.16
CA CYS C 96 31.28 13.58 2.95
C CYS C 96 32.20 12.58 2.27
N PRO C 97 33.12 11.97 2.99
CA PRO C 97 33.95 10.91 2.39
C PRO C 97 33.13 9.66 2.13
N SER C 98 33.36 9.03 0.98
CA SER C 98 32.58 7.86 0.59
C SER C 98 33.16 6.59 1.22
N LEU C 99 32.39 5.50 1.16
CA LEU C 99 32.90 4.19 1.64
C LEU C 99 33.44 3.45 0.41
N LEU C 100 34.75 3.18 0.36
CA LEU C 100 35.36 2.52 -0.82
C LEU C 100 34.72 1.15 -1.02
N PHE C 101 33.84 1.02 -2.02
CA PHE C 101 33.14 -0.27 -2.25
C PHE C 101 33.56 -0.85 -3.60
N ASP C 102 33.03 -2.02 -3.95
CA ASP C 102 33.33 -2.61 -5.28
C ASP C 102 32.30 -2.08 -6.29
N LEU C 103 32.75 -1.27 -7.26
CA LEU C 103 31.84 -0.74 -8.30
C LEU C 103 32.30 -1.28 -9.66
N ARG C 104 33.18 -2.29 -9.64
CA ARG C 104 33.75 -2.83 -10.90
C ARG C 104 33.06 -4.16 -11.24
N ASP C 105 32.66 -4.33 -12.51
CA ASP C 105 32.00 -5.59 -12.95
C ASP C 105 32.96 -6.76 -12.72
N GLU C 106 32.46 -7.85 -12.15
CA GLU C 106 33.31 -9.03 -11.84
C GLU C 106 32.86 -10.22 -12.69
N THR C 107 33.81 -10.94 -13.30
CA THR C 107 33.45 -12.15 -14.08
C THR C 107 34.27 -13.35 -13.56
N ARG C 108 33.66 -14.55 -13.55
CA ARG C 108 34.34 -15.73 -13.03
C ARG C 108 33.88 -16.96 -13.79
N ASN C 109 34.83 -17.67 -14.40
CA ASN C 109 34.53 -18.91 -15.11
C ASN C 109 34.54 -20.11 -14.16
N VAL C 110 33.62 -20.07 -13.21
CA VAL C 110 33.47 -21.15 -12.24
C VAL C 110 32.67 -22.27 -12.88
N GLY C 111 33.26 -23.48 -12.94
CA GLY C 111 32.60 -24.61 -13.62
C GLY C 111 32.56 -24.37 -15.12
N SER C 112 31.46 -24.71 -15.78
CA SER C 112 31.31 -24.44 -17.23
C SER C 112 30.37 -23.25 -17.43
N GLN C 113 30.28 -22.38 -16.41
CA GLN C 113 29.33 -21.24 -16.49
C GLN C 113 30.09 -19.92 -16.37
N THR C 114 29.72 -18.93 -17.18
CA THR C 114 30.37 -17.59 -17.10
C THR C 114 29.60 -16.75 -16.08
N LEU C 115 29.89 -16.93 -14.79
CA LEU C 115 29.25 -16.10 -13.73
C LEU C 115 29.63 -14.65 -14.02
N GLN C 116 28.65 -13.75 -14.10
CA GLN C 116 28.97 -12.34 -14.48
C GLN C 116 28.11 -11.35 -13.69
N THR C 117 28.74 -10.40 -13.02
CA THR C 117 27.97 -9.33 -12.31
C THR C 117 28.13 -8.03 -13.09
N PHE C 118 27.03 -7.32 -13.35
CA PHE C 118 27.10 -6.03 -14.03
C PHE C 118 26.76 -4.93 -13.04
N LYS C 119 27.78 -4.47 -12.31
CA LYS C 119 27.62 -3.34 -11.40
C LYS C 119 27.57 -2.06 -12.23
N ALA C 120 26.43 -1.84 -12.87
CA ALA C 120 26.21 -0.66 -13.71
C ALA C 120 24.79 -0.19 -13.49
N ARG C 121 24.63 1.09 -13.11
CA ARG C 121 23.34 1.65 -12.72
C ARG C 121 22.74 0.91 -11.53
N GLN C 122 23.59 0.25 -10.73
CA GLN C 122 23.12 -0.64 -9.68
C GLN C 122 22.55 0.10 -8.47
N GLY C 123 22.74 1.41 -8.39
CA GLY C 123 22.16 2.14 -7.27
C GLY C 123 22.70 1.71 -5.92
N LEU C 124 24.02 1.62 -5.79
CA LEU C 124 24.63 1.18 -4.54
C LEU C 124 24.41 2.28 -3.51
N GLY C 125 23.35 2.13 -2.72
CA GLY C 125 22.97 3.16 -1.77
C GLY C 125 21.47 3.35 -1.79
N ALA C 126 20.78 2.59 -2.63
CA ALA C 126 19.34 2.73 -2.74
C ALA C 126 18.64 2.42 -1.43
N SER C 127 19.28 1.64 -0.56
CA SER C 127 18.75 1.42 0.79
C SER C 127 19.91 0.97 1.68
N VAL C 128 20.35 1.85 2.56
CA VAL C 128 21.43 1.55 3.47
C VAL C 128 20.85 1.30 4.86
N VAL C 129 21.64 0.62 5.70
CA VAL C 129 21.26 0.32 7.06
C VAL C 129 22.52 -0.11 7.80
N SER C 130 22.57 0.17 9.10
CA SER C 130 23.77 -0.08 9.90
C SER C 130 23.43 -0.87 11.15
N TRP C 131 24.11 -2.00 11.33
CA TRP C 131 23.98 -2.78 12.57
C TRP C 131 25.08 -2.44 13.58
N SER C 132 25.23 -1.14 13.83
CA SER C 132 26.02 -0.60 14.94
C SER C 132 27.52 -0.79 14.78
N ASP C 133 27.96 -1.63 13.83
CA ASP C 133 29.32 -1.52 13.33
C ASP C 133 29.46 -1.90 11.87
N VAL C 134 28.37 -2.19 11.17
CA VAL C 134 28.42 -2.73 9.81
C VAL C 134 27.47 -1.91 8.95
N ILE C 135 27.95 -1.47 7.79
CA ILE C 135 27.16 -0.65 6.88
C ILE C 135 26.65 -1.58 5.78
N VAL C 136 25.41 -2.05 5.91
CA VAL C 136 24.81 -2.92 4.92
C VAL C 136 24.16 -2.00 3.89
N ALA C 137 24.95 -1.61 2.90
CA ALA C 137 24.50 -0.74 1.83
C ALA C 137 24.20 -1.60 0.61
N CYS C 138 22.96 -1.57 0.16
CA CYS C 138 22.49 -2.50 -0.86
C CYS C 138 22.47 -1.83 -2.24
N ALA C 139 22.28 -2.66 -3.26
CA ALA C 139 22.24 -2.20 -4.65
C ALA C 139 21.21 -3.05 -5.38
N PRO C 140 19.93 -2.71 -5.24
CA PRO C 140 18.88 -3.56 -5.83
C PRO C 140 19.01 -3.77 -7.32
N TRP C 141 19.39 -2.73 -8.07
CA TRP C 141 19.44 -2.90 -9.53
C TRP C 141 20.84 -3.28 -10.00
N GLN C 142 21.44 -4.26 -9.36
CA GLN C 142 22.71 -4.84 -9.80
C GLN C 142 22.41 -6.11 -10.57
N HIS C 143 22.74 -6.12 -11.86
CA HIS C 143 22.34 -7.23 -12.70
C HIS C 143 23.24 -8.43 -12.45
N TRP C 144 22.95 -9.52 -13.18
CA TRP C 144 23.60 -10.79 -12.95
C TRP C 144 23.26 -11.72 -14.10
N ASN C 145 24.25 -12.45 -14.59
CA ASN C 145 24.03 -13.29 -15.75
C ASN C 145 25.02 -14.44 -15.72
N VAL C 146 24.54 -15.63 -16.10
CA VAL C 146 25.38 -16.81 -16.19
C VAL C 146 25.14 -17.47 -17.53
N LEU C 147 26.21 -17.83 -18.23
CA LEU C 147 26.13 -18.36 -19.59
C LEU C 147 26.71 -19.77 -19.62
N GLU C 148 26.03 -20.68 -20.30
CA GLU C 148 26.56 -22.03 -20.54
C GLU C 148 26.46 -22.35 -22.03
N LYS C 149 27.41 -21.81 -22.79
CA LYS C 149 27.77 -22.22 -24.14
C LYS C 149 26.72 -21.94 -25.21
N THR C 150 25.46 -21.74 -24.83
CA THR C 150 24.47 -21.28 -25.79
C THR C 150 23.52 -20.28 -25.16
N GLU C 151 23.13 -20.55 -23.93
CA GLU C 151 22.02 -19.89 -23.26
C GLU C 151 22.52 -19.15 -22.04
N GLU C 152 21.57 -18.55 -21.30
CA GLU C 152 21.92 -17.78 -20.13
C GLU C 152 20.68 -17.60 -19.27
N ALA C 153 20.91 -17.06 -18.07
CA ALA C 153 19.85 -16.84 -17.10
C ALA C 153 19.10 -15.54 -17.32
N GLU C 154 19.20 -14.92 -18.51
CA GLU C 154 18.46 -13.71 -18.82
C GLU C 154 18.79 -12.60 -17.83
N LYS C 155 19.99 -12.04 -17.99
CA LYS C 155 20.54 -11.01 -17.09
C LYS C 155 19.46 -10.08 -16.55
N THR C 156 19.40 -9.96 -15.22
CA THR C 156 18.30 -9.31 -14.52
C THR C 156 18.82 -8.76 -13.20
N PRO C 157 18.11 -7.80 -12.61
CA PRO C 157 18.56 -7.23 -11.33
C PRO C 157 18.32 -8.13 -10.13
N VAL C 158 19.24 -9.05 -9.89
CA VAL C 158 19.17 -9.87 -8.68
C VAL C 158 19.55 -9.08 -7.43
N GLY C 159 20.10 -7.90 -7.59
CA GLY C 159 20.46 -7.08 -6.44
C GLY C 159 21.59 -7.64 -5.62
N SER C 160 22.13 -6.83 -4.72
CA SER C 160 23.20 -7.26 -3.83
C SER C 160 23.24 -6.28 -2.67
N CYS C 161 23.92 -6.69 -1.60
CA CYS C 161 24.10 -5.84 -0.43
C CYS C 161 25.55 -5.92 0.02
N PHE C 162 26.32 -4.90 -0.33
CA PHE C 162 27.69 -4.80 0.12
C PHE C 162 27.73 -4.44 1.60
N LEU C 163 28.40 -5.26 2.39
CA LEU C 163 28.59 -4.99 3.81
C LEU C 163 29.99 -4.46 4.05
N ALA C 164 30.12 -3.55 5.01
CA ALA C 164 31.40 -2.89 5.23
C ALA C 164 31.51 -2.44 6.67
N GLN C 165 32.54 -2.90 7.36
CA GLN C 165 32.85 -2.36 8.68
C GLN C 165 33.71 -1.12 8.51
N PRO C 166 33.23 0.05 8.93
CA PRO C 166 34.06 1.27 8.79
C PRO C 166 35.36 1.23 9.57
N GLU C 167 35.45 0.42 10.62
CA GLU C 167 36.69 0.37 11.39
C GLU C 167 37.71 -0.57 10.74
N SER C 168 37.36 -1.85 10.59
CA SER C 168 38.31 -2.82 10.06
C SER C 168 38.39 -2.81 8.55
N GLY C 169 37.42 -2.20 7.86
CA GLY C 169 37.47 -2.08 6.42
C GLY C 169 37.53 -3.40 5.69
N ARG C 170 36.67 -4.35 6.07
CA ARG C 170 36.59 -5.63 5.39
C ARG C 170 35.24 -5.71 4.69
N ARG C 171 35.25 -5.56 3.37
CA ARG C 171 34.02 -5.63 2.60
C ARG C 171 33.47 -7.05 2.58
N ALA C 172 32.17 -7.15 2.31
CA ALA C 172 31.50 -8.44 2.21
C ALA C 172 30.21 -8.26 1.44
N GLU C 173 30.09 -8.95 0.30
CA GLU C 173 28.85 -8.88 -0.46
C GLU C 173 27.86 -9.92 0.05
N TYR C 174 26.59 -9.69 -0.27
CA TYR C 174 25.55 -10.67 0.07
C TYR C 174 24.41 -10.49 -0.93
N SER C 175 24.33 -11.40 -1.88
CA SER C 175 23.27 -11.40 -2.89
C SER C 175 22.52 -12.72 -2.80
N PRO C 176 21.38 -12.77 -2.13
CA PRO C 176 20.71 -14.05 -1.92
C PRO C 176 20.06 -14.63 -3.16
N CYS C 177 19.82 -13.81 -4.19
CA CYS C 177 19.07 -14.24 -5.35
C CYS C 177 19.95 -14.50 -6.57
N ARG C 178 21.26 -14.57 -6.39
CA ARG C 178 22.15 -14.93 -7.50
C ARG C 178 22.00 -16.42 -7.76
N GLY C 179 21.01 -16.75 -8.58
CA GLY C 179 20.85 -18.11 -9.04
C GLY C 179 21.77 -18.38 -10.22
N ASN C 180 21.76 -19.63 -10.65
CA ASN C 180 22.47 -20.00 -11.87
C ASN C 180 21.68 -20.97 -12.73
N THR C 181 20.38 -21.14 -12.47
CA THR C 181 19.56 -21.98 -13.32
C THR C 181 19.39 -21.31 -14.68
N LEU C 182 19.55 -22.08 -15.74
CA LEU C 182 19.37 -21.55 -17.08
C LEU C 182 17.90 -21.19 -17.31
N SER C 183 17.68 -20.19 -18.17
CA SER C 183 16.32 -19.73 -18.43
C SER C 183 15.48 -20.81 -19.11
N ARG C 184 16.09 -21.80 -19.74
CA ARG C 184 15.32 -22.89 -20.35
C ARG C 184 14.62 -23.74 -19.30
N ILE C 185 15.07 -23.70 -18.05
CA ILE C 185 14.43 -24.48 -17.01
C ILE C 185 13.31 -23.68 -16.34
N TYR C 186 13.50 -22.38 -16.17
CA TYR C 186 12.47 -21.55 -15.56
C TYR C 186 11.19 -21.57 -16.38
N VAL C 187 11.32 -21.49 -17.71
CA VAL C 187 10.14 -21.57 -18.57
C VAL C 187 9.48 -22.94 -18.51
N GLU C 188 10.24 -23.97 -18.15
CA GLU C 188 9.70 -25.32 -18.01
C GLU C 188 9.24 -25.62 -16.60
N ASN C 189 9.25 -24.62 -15.71
CA ASN C 189 8.76 -24.80 -14.35
C ASN C 189 7.70 -23.77 -14.00
N ASP C 190 7.08 -23.14 -14.99
CA ASP C 190 6.11 -22.07 -14.79
C ASP C 190 6.67 -20.98 -13.89
N PHE C 191 7.97 -20.70 -14.05
CA PHE C 191 8.65 -19.63 -13.34
C PHE C 191 8.53 -19.79 -11.83
N SER C 192 8.61 -21.04 -11.37
CA SER C 192 8.62 -21.33 -9.94
C SER C 192 10.01 -21.10 -9.38
N TRP C 193 10.07 -20.48 -8.20
CA TRP C 193 11.34 -20.13 -7.55
C TRP C 193 12.19 -19.29 -8.49
N ASP C 194 11.53 -18.38 -9.20
CA ASP C 194 12.19 -17.51 -10.18
C ASP C 194 12.72 -16.25 -9.49
N LYS C 195 13.61 -16.47 -8.54
CA LYS C 195 14.20 -15.35 -7.81
C LYS C 195 15.39 -14.79 -8.58
N ARG C 196 15.14 -14.34 -9.80
CA ARG C 196 16.13 -13.62 -10.59
C ARG C 196 15.89 -12.12 -10.57
N TYR C 197 14.64 -11.70 -10.44
CA TYR C 197 14.26 -10.30 -10.52
C TYR C 197 14.24 -9.64 -9.16
N CYS C 198 14.93 -10.26 -8.19
CA CYS C 198 14.70 -9.94 -6.77
C CYS C 198 14.85 -8.46 -6.49
N GLU C 199 15.92 -7.85 -6.98
CA GLU C 199 16.32 -6.52 -6.53
C GLU C 199 16.49 -6.52 -5.02
N ALA C 200 17.07 -7.59 -4.50
CA ALA C 200 17.25 -7.73 -3.06
C ALA C 200 18.07 -6.57 -2.52
N GLY C 201 17.69 -6.08 -1.36
CA GLY C 201 18.22 -4.85 -0.84
C GLY C 201 17.41 -3.63 -1.22
N PHE C 202 16.35 -3.80 -1.99
CA PHE C 202 15.41 -2.71 -2.27
C PHE C 202 14.98 -2.03 -0.99
N SER C 203 14.57 -2.82 -0.01
CA SER C 203 14.27 -2.33 1.33
C SER C 203 14.87 -3.31 2.32
N SER C 204 15.88 -2.87 3.05
CA SER C 204 16.61 -3.73 3.97
C SER C 204 16.50 -3.18 5.38
N VAL C 205 16.33 -4.11 6.33
CA VAL C 205 16.32 -3.78 7.75
C VAL C 205 17.12 -4.84 8.48
N VAL C 206 17.87 -4.42 9.49
CA VAL C 206 18.70 -5.32 10.28
C VAL C 206 18.09 -5.42 11.67
N THR C 207 17.75 -6.63 12.08
CA THR C 207 17.14 -6.86 13.37
C THR C 207 18.13 -6.55 14.49
N GLN C 208 17.62 -6.48 15.72
CA GLN C 208 18.49 -6.19 16.85
C GLN C 208 19.44 -7.34 17.14
N ALA C 209 19.00 -8.58 16.94
CA ALA C 209 19.84 -9.73 17.24
C ALA C 209 20.98 -9.92 16.25
N GLY C 210 20.84 -9.41 15.03
CA GLY C 210 21.95 -9.46 14.09
C GLY C 210 21.63 -9.96 12.70
N GLU C 211 20.40 -10.41 12.48
CA GLU C 211 20.01 -10.85 11.15
C GLU C 211 20.02 -9.68 10.17
N LEU C 212 19.91 -10.02 8.89
CA LEU C 212 19.80 -9.00 7.84
C LEU C 212 18.60 -9.37 6.98
N VAL C 213 17.58 -8.52 7.00
CA VAL C 213 16.31 -8.84 6.36
C VAL C 213 16.14 -8.01 5.10
N LEU C 214 16.54 -8.56 3.96
CA LEU C 214 16.38 -7.87 2.70
C LEU C 214 14.92 -7.91 2.25
N GLY C 215 14.53 -6.88 1.51
CA GLY C 215 13.25 -6.90 0.83
C GLY C 215 13.46 -6.96 -0.66
N ALA C 216 13.03 -8.05 -1.29
CA ALA C 216 13.24 -8.27 -2.72
C ALA C 216 11.90 -8.24 -3.43
N PRO C 217 11.38 -7.07 -3.79
CA PRO C 217 10.05 -7.02 -4.40
C PRO C 217 10.09 -7.35 -5.89
N GLY C 218 10.87 -8.36 -6.25
CA GLY C 218 10.80 -8.93 -7.57
C GLY C 218 11.02 -10.41 -7.50
N GLY C 219 11.23 -10.90 -6.28
CA GLY C 219 11.49 -12.32 -6.10
C GLY C 219 10.28 -13.15 -6.50
N TYR C 220 10.55 -14.32 -7.07
CA TYR C 220 9.52 -15.20 -7.59
C TYR C 220 8.65 -14.45 -8.60
N TYR C 221 9.32 -13.77 -9.53
CA TYR C 221 8.67 -13.11 -10.66
C TYR C 221 7.74 -11.99 -10.16
N PHE C 222 8.35 -11.02 -9.50
CA PHE C 222 7.67 -9.80 -9.05
C PHE C 222 6.57 -10.09 -8.05
N LEU C 223 6.61 -11.26 -7.42
CA LEU C 223 5.69 -11.58 -6.36
C LEU C 223 6.26 -11.25 -4.98
N GLY C 224 7.56 -11.05 -4.89
CA GLY C 224 8.23 -10.59 -3.67
C GLY C 224 8.76 -11.72 -2.81
N LEU C 225 9.81 -11.41 -2.08
CA LEU C 225 10.37 -12.34 -1.10
C LEU C 225 11.18 -11.55 -0.08
N LEU C 226 11.80 -12.28 0.84
CA LEU C 226 12.72 -11.71 1.82
C LEU C 226 13.91 -12.64 1.94
N ALA C 227 15.04 -12.09 2.36
CA ALA C 227 16.21 -12.89 2.69
C ALA C 227 16.68 -12.52 4.08
N GLN C 228 16.79 -13.51 4.96
CA GLN C 228 17.26 -13.31 6.32
C GLN C 228 18.51 -14.15 6.50
N ALA C 229 19.67 -13.50 6.44
CA ALA C 229 20.95 -14.15 6.67
C ALA C 229 21.68 -13.34 7.73
N PRO C 230 22.06 -13.94 8.85
CA PRO C 230 22.70 -13.17 9.92
C PRO C 230 23.97 -12.49 9.46
N VAL C 231 24.19 -11.28 9.96
CA VAL C 231 25.32 -10.48 9.49
C VAL C 231 26.64 -11.19 9.76
N ALA C 232 26.79 -11.74 10.97
CA ALA C 232 28.02 -12.44 11.31
C ALA C 232 28.26 -13.64 10.39
N ASP C 233 27.19 -14.20 9.82
CA ASP C 233 27.32 -15.32 8.90
C ASP C 233 27.43 -14.91 7.44
N ILE C 234 27.45 -13.61 7.16
CA ILE C 234 27.78 -13.15 5.81
C ILE C 234 29.27 -12.87 5.68
N PHE C 235 29.86 -12.21 6.69
CA PHE C 235 31.30 -12.00 6.71
C PHE C 235 32.04 -13.33 6.76
N SER C 236 31.55 -14.28 7.56
CA SER C 236 32.21 -15.56 7.71
C SER C 236 32.23 -16.35 6.39
N SER C 237 31.18 -16.24 5.59
CA SER C 237 31.01 -17.08 4.41
C SER C 237 31.05 -16.25 3.13
N TYR C 238 31.96 -15.28 3.06
CA TYR C 238 32.14 -14.47 1.85
C TYR C 238 33.59 -14.57 1.41
N ARG C 239 33.81 -15.16 0.24
CA ARG C 239 35.15 -15.28 -0.31
C ARG C 239 35.28 -14.35 -1.49
N PRO C 240 36.08 -13.28 -1.40
CA PRO C 240 36.20 -12.34 -2.53
C PRO C 240 36.75 -13.05 -3.76
N GLY C 241 35.94 -13.08 -4.81
CA GLY C 241 36.35 -13.71 -6.05
C GLY C 241 35.31 -14.65 -6.62
N ILE C 242 34.60 -15.36 -5.76
CA ILE C 242 33.50 -16.22 -6.18
C ILE C 242 32.20 -15.43 -6.07
N LEU C 243 31.42 -15.45 -7.14
CA LEU C 243 30.19 -14.66 -7.21
C LEU C 243 28.99 -15.43 -6.69
N LEU C 244 28.85 -16.69 -7.08
CA LEU C 244 27.73 -17.53 -6.66
C LEU C 244 28.15 -18.33 -5.43
N TRP C 245 27.48 -18.06 -4.31
CA TRP C 245 27.67 -18.83 -3.09
C TRP C 245 26.44 -18.63 -2.22
N HIS C 246 26.03 -19.69 -1.54
CA HIS C 246 24.91 -19.64 -0.62
C HIS C 246 25.43 -19.54 0.81
N VAL C 247 24.81 -18.66 1.59
CA VAL C 247 25.26 -18.42 2.95
C VAL C 247 25.09 -19.65 3.82
N SER C 248 24.15 -20.53 3.48
CA SER C 248 23.83 -21.78 4.18
C SER C 248 23.20 -21.53 5.54
N SER C 249 23.10 -20.28 5.98
CA SER C 249 22.32 -19.92 7.15
C SER C 249 21.16 -19.01 6.80
N GLN C 250 21.03 -18.62 5.53
CA GLN C 250 19.97 -17.74 5.10
C GLN C 250 18.64 -18.48 5.09
N SER C 251 17.57 -17.69 4.97
CA SER C 251 16.22 -18.25 4.91
C SER C 251 15.36 -17.29 4.09
N LEU C 252 15.04 -17.70 2.87
CA LEU C 252 14.21 -16.88 1.99
C LEU C 252 12.73 -17.16 2.24
N SER C 253 11.90 -16.32 1.64
CA SER C 253 10.46 -16.47 1.78
C SER C 253 9.96 -17.58 0.85
N PHE C 254 8.65 -17.68 0.69
CA PHE C 254 8.04 -18.74 -0.09
C PHE C 254 7.29 -18.15 -1.27
N ASP C 255 7.27 -18.91 -2.37
CA ASP C 255 6.63 -18.46 -3.61
C ASP C 255 5.18 -18.87 -3.54
N SER C 256 4.33 -17.95 -3.09
CA SER C 256 2.90 -18.21 -3.06
C SER C 256 2.35 -18.30 -4.47
N SER C 257 1.25 -19.01 -4.62
CA SER C 257 0.57 -19.14 -5.90
C SER C 257 -0.88 -18.65 -5.80
N ASN C 258 -1.13 -17.73 -4.86
CA ASN C 258 -2.44 -17.14 -4.70
C ASN C 258 -2.56 -15.93 -5.62
N PRO C 259 -3.49 -15.93 -6.57
CA PRO C 259 -3.54 -14.83 -7.56
C PRO C 259 -3.63 -13.45 -6.95
N GLU C 260 -3.96 -13.36 -5.65
CA GLU C 260 -3.86 -12.09 -4.96
C GLU C 260 -2.41 -11.66 -4.81
N TYR C 261 -1.51 -12.60 -4.59
CA TYR C 261 -0.10 -12.30 -4.38
C TYR C 261 0.63 -11.90 -5.65
N PHE C 262 0.12 -12.31 -6.82
CA PHE C 262 0.81 -12.05 -8.07
C PHE C 262 1.07 -10.57 -8.25
N ASP C 263 2.28 -10.23 -8.69
CA ASP C 263 2.67 -8.85 -8.97
C ASP C 263 2.49 -7.97 -7.74
N GLY C 264 2.66 -8.59 -6.56
CA GLY C 264 2.45 -7.88 -5.32
C GLY C 264 3.56 -6.94 -4.91
N TYR C 265 4.72 -7.04 -5.54
CA TYR C 265 5.91 -6.32 -5.11
C TYR C 265 6.10 -6.46 -3.61
N TRP C 266 5.90 -7.68 -3.13
CA TRP C 266 5.99 -8.00 -1.72
C TRP C 266 7.39 -7.74 -1.20
N GLY C 267 7.48 -7.22 0.02
CA GLY C 267 8.76 -6.81 0.54
C GLY C 267 9.26 -5.49 0.04
N TYR C 268 8.39 -4.71 -0.62
CA TYR C 268 8.79 -3.40 -1.13
C TYR C 268 9.31 -2.50 -0.01
N SER C 269 8.79 -2.65 1.19
CA SER C 269 9.32 -1.93 2.35
C SER C 269 9.07 -2.77 3.59
N VAL C 270 10.14 -3.19 4.25
CA VAL C 270 10.03 -4.11 5.37
C VAL C 270 10.52 -3.42 6.64
N ALA C 271 10.04 -3.93 7.77
CA ALA C 271 10.47 -3.48 9.09
C ALA C 271 10.26 -4.62 10.07
N VAL C 272 10.88 -4.50 11.24
CA VAL C 272 10.86 -5.57 12.22
C VAL C 272 10.30 -5.03 13.54
N GLY C 273 9.69 -5.93 14.30
CA GLY C 273 9.12 -5.59 15.59
C GLY C 273 8.98 -6.78 16.51
N GLU C 274 7.88 -6.85 17.26
CA GLU C 274 7.60 -8.01 18.11
C GLU C 274 6.08 -8.16 18.17
N PHE C 275 5.56 -9.15 17.44
CA PHE C 275 4.11 -9.30 17.28
C PHE C 275 3.59 -10.68 17.64
N ASP C 276 4.40 -11.54 18.26
CA ASP C 276 3.93 -12.89 18.57
C ASP C 276 4.35 -13.40 19.94
N GLY C 277 4.89 -12.56 20.80
CA GLY C 277 5.19 -12.97 22.16
C GLY C 277 6.58 -13.47 22.44
N ASP C 278 7.08 -14.39 21.63
CA ASP C 278 8.44 -14.87 21.82
C ASP C 278 9.43 -13.74 21.55
N LEU C 279 10.05 -13.22 22.60
CA LEU C 279 11.01 -12.13 22.45
C LEU C 279 12.31 -12.58 21.82
N ASN C 280 12.52 -13.89 21.66
CA ASN C 280 13.70 -14.37 20.95
C ASN C 280 13.57 -14.13 19.46
N THR C 281 12.51 -14.67 18.86
CA THR C 281 12.23 -14.41 17.46
C THR C 281 11.74 -12.98 17.25
N THR C 282 11.91 -12.49 16.03
CA THR C 282 11.41 -11.18 15.63
C THR C 282 10.45 -11.36 14.45
N GLU C 283 9.54 -10.40 14.31
CA GLU C 283 8.46 -10.50 13.33
C GLU C 283 8.57 -9.36 12.33
N TYR C 284 8.51 -9.71 11.05
CA TYR C 284 8.68 -8.75 9.97
C TYR C 284 7.33 -8.12 9.59
N VAL C 285 7.39 -6.91 9.05
CA VAL C 285 6.22 -6.07 8.87
C VAL C 285 6.13 -5.75 7.38
N VAL C 286 6.47 -6.76 6.57
CA VAL C 286 6.52 -6.66 5.11
C VAL C 286 5.33 -5.92 4.54
N GLY C 287 5.58 -5.00 3.62
CA GLY C 287 4.52 -4.27 2.98
C GLY C 287 4.47 -4.51 1.49
N ALA C 288 3.37 -5.06 1.00
CA ALA C 288 3.20 -5.27 -0.43
C ALA C 288 2.26 -4.20 -0.96
N PRO C 289 2.76 -3.19 -1.66
CA PRO C 289 1.88 -2.09 -2.08
C PRO C 289 0.94 -2.46 -3.21
N THR C 290 1.39 -3.27 -4.18
CA THR C 290 0.51 -3.71 -5.26
C THR C 290 -0.03 -5.11 -4.96
N TRP C 291 -0.68 -5.25 -3.81
CA TRP C 291 -1.15 -6.55 -3.36
C TRP C 291 -2.64 -6.72 -3.69
N SER C 292 -2.98 -7.89 -4.23
CA SER C 292 -4.35 -8.22 -4.63
C SER C 292 -4.87 -7.19 -5.63
N TRP C 293 -4.20 -7.12 -6.78
CA TRP C 293 -4.53 -6.18 -7.83
C TRP C 293 -4.52 -4.75 -7.30
N THR C 294 -3.34 -4.31 -6.88
CA THR C 294 -3.00 -2.93 -6.57
C THR C 294 -3.60 -2.46 -5.25
N LEU C 295 -4.43 -3.27 -4.58
CA LEU C 295 -5.03 -2.85 -3.33
C LEU C 295 -3.96 -2.57 -2.28
N GLY C 296 -3.04 -3.52 -2.08
CA GLY C 296 -1.96 -3.33 -1.14
C GLY C 296 -2.24 -3.86 0.24
N ALA C 297 -1.26 -4.53 0.85
CA ALA C 297 -1.45 -5.08 2.17
C ALA C 297 -0.10 -5.21 2.86
N VAL C 298 -0.06 -4.88 4.14
CA VAL C 298 1.15 -4.99 4.95
C VAL C 298 1.03 -6.24 5.81
N GLU C 299 1.80 -7.26 5.50
CA GLU C 299 1.74 -8.50 6.23
C GLU C 299 2.69 -8.51 7.40
N ILE C 300 2.30 -9.22 8.46
CA ILE C 300 3.15 -9.46 9.62
C ILE C 300 3.41 -10.95 9.67
N LEU C 301 4.66 -11.33 9.89
CA LEU C 301 5.05 -12.73 9.81
C LEU C 301 6.30 -12.97 10.65
N ASP C 302 6.34 -14.15 11.25
CA ASP C 302 7.42 -14.50 12.17
C ASP C 302 8.67 -14.86 11.38
N SER C 303 9.68 -15.38 12.07
CA SER C 303 10.97 -15.64 11.46
C SER C 303 10.91 -16.74 10.40
N TYR C 304 9.83 -17.51 10.35
CA TYR C 304 9.66 -18.54 9.34
C TYR C 304 8.80 -18.08 8.17
N TYR C 305 8.50 -16.79 8.10
CA TYR C 305 7.65 -16.23 7.04
C TYR C 305 6.26 -16.84 7.03
N GLN C 306 5.77 -17.21 8.21
CA GLN C 306 4.38 -17.64 8.37
C GLN C 306 3.56 -16.43 8.78
N ARG C 307 2.48 -16.17 8.04
CA ARG C 307 1.75 -14.92 8.20
C ARG C 307 1.05 -14.87 9.55
N LEU C 308 1.41 -13.88 10.36
CA LEU C 308 0.63 -13.58 11.56
C LEU C 308 -0.58 -12.72 11.22
N HIS C 309 -0.33 -11.54 10.68
CA HIS C 309 -1.37 -10.56 10.40
C HIS C 309 -1.31 -10.18 8.94
N ARG C 310 -2.35 -9.48 8.47
CA ARG C 310 -2.34 -8.93 7.12
C ARG C 310 -3.33 -7.78 7.10
N LEU C 311 -2.87 -6.61 6.68
CA LEU C 311 -3.65 -5.38 6.77
C LEU C 311 -3.97 -4.90 5.36
N ARG C 312 -5.16 -5.24 4.88
CA ARG C 312 -5.56 -4.79 3.56
C ARG C 312 -5.81 -3.28 3.55
N GLY C 313 -5.58 -2.66 2.39
CA GLY C 313 -5.75 -1.23 2.27
C GLY C 313 -7.19 -0.83 2.01
N GLU C 314 -7.47 0.46 2.18
CA GLU C 314 -8.83 0.93 1.92
C GLU C 314 -9.17 0.87 0.44
N GLN C 315 -8.45 1.62 -0.38
CA GLN C 315 -8.79 1.72 -1.78
C GLN C 315 -7.57 1.45 -2.66
N MET C 316 -7.86 1.12 -3.90
CA MET C 316 -6.89 0.66 -4.87
C MET C 316 -6.01 1.81 -5.35
N ALA C 317 -4.84 1.44 -5.87
CA ALA C 317 -3.89 2.39 -6.43
C ALA C 317 -3.55 3.48 -5.42
N SER C 318 -3.24 3.07 -4.20
CA SER C 318 -2.84 4.00 -3.15
C SER C 318 -1.52 3.61 -2.51
N TYR C 319 -0.88 2.53 -2.96
CA TYR C 319 0.28 1.96 -2.29
C TYR C 319 0.13 1.96 -0.77
N PHE C 320 -0.91 1.28 -0.30
CA PHE C 320 -0.95 0.90 1.11
C PHE C 320 0.21 -0.05 1.35
N GLY C 321 1.22 0.41 2.08
CA GLY C 321 2.40 -0.39 2.33
C GLY C 321 3.66 0.05 1.61
N HIS C 322 3.62 1.21 0.95
CA HIS C 322 4.85 1.72 0.33
C HIS C 322 5.90 2.02 1.37
N SER C 323 5.50 2.35 2.61
CA SER C 323 6.45 2.71 3.64
C SER C 323 5.88 2.28 4.99
N VAL C 324 6.44 1.22 5.55
CA VAL C 324 6.01 0.69 6.83
C VAL C 324 6.97 1.18 7.92
N ALA C 325 6.47 1.28 9.13
CA ALA C 325 7.29 1.61 10.28
C ALA C 325 6.66 0.96 11.51
N VAL C 326 7.47 0.76 12.55
CA VAL C 326 7.04 0.02 13.72
C VAL C 326 7.64 0.67 14.96
N THR C 327 6.79 1.20 15.83
CA THR C 327 7.24 1.75 17.10
C THR C 327 6.04 1.81 18.04
N ASP C 328 6.33 1.84 19.33
CA ASP C 328 5.29 1.87 20.36
C ASP C 328 4.83 3.31 20.53
N VAL C 329 3.75 3.68 19.85
CA VAL C 329 3.28 5.06 19.82
C VAL C 329 2.26 5.35 20.92
N ASN C 330 2.08 4.43 21.86
CA ASN C 330 1.19 4.71 22.98
C ASN C 330 1.74 4.18 24.31
N GLY C 331 3.03 3.85 24.36
CA GLY C 331 3.68 3.46 25.59
C GLY C 331 3.05 2.30 26.32
N ASP C 332 2.45 1.37 25.60
CA ASP C 332 1.85 0.18 26.20
C ASP C 332 2.71 -1.06 26.05
N GLY C 333 3.92 -0.93 25.50
CA GLY C 333 4.79 -2.06 25.28
C GLY C 333 4.56 -2.79 23.98
N ARG C 334 3.45 -2.51 23.30
CA ARG C 334 3.13 -3.18 22.05
C ARG C 334 3.67 -2.38 20.87
N HIS C 335 4.13 -3.11 19.85
CA HIS C 335 4.77 -2.52 18.69
C HIS C 335 3.69 -2.15 17.68
N ASP C 336 3.20 -0.92 17.79
CA ASP C 336 2.18 -0.43 16.88
C ASP C 336 2.83 -0.07 15.55
N LEU C 337 2.36 -0.67 14.46
CA LEU C 337 2.95 -0.41 13.17
C LEU C 337 2.19 0.72 12.47
N LEU C 338 2.87 1.37 11.54
CA LEU C 338 2.28 2.42 10.71
C LEU C 338 2.51 2.07 9.25
N VAL C 339 1.53 2.38 8.42
CA VAL C 339 1.56 2.03 7.00
C VAL C 339 1.30 3.30 6.20
N GLY C 340 2.22 3.63 5.30
CA GLY C 340 2.03 4.76 4.42
C GLY C 340 1.24 4.37 3.20
N ALA C 341 0.37 5.29 2.76
CA ALA C 341 -0.39 5.14 1.53
C ALA C 341 -0.22 6.42 0.71
N PRO C 342 0.93 6.58 0.06
CA PRO C 342 1.27 7.88 -0.55
C PRO C 342 0.25 8.36 -1.58
N LEU C 343 -0.35 7.43 -2.31
CA LEU C 343 -1.25 7.77 -3.41
C LEU C 343 -2.72 7.60 -3.02
N TYR C 344 -3.05 7.75 -1.73
CA TYR C 344 -4.42 7.61 -1.29
C TYR C 344 -5.19 8.87 -1.66
N MET C 345 -6.35 8.68 -2.29
CA MET C 345 -7.14 9.80 -2.79
C MET C 345 -8.30 10.05 -1.84
N GLU C 346 -8.17 11.09 -1.01
CA GLU C 346 -9.17 11.43 -0.02
C GLU C 346 -10.43 11.96 -0.68
N SER C 347 -11.51 12.02 0.09
CA SER C 347 -12.80 12.47 -0.40
C SER C 347 -13.05 13.90 0.07
N ARG C 348 -13.27 14.80 -0.88
CA ARG C 348 -13.55 16.21 -0.59
C ARG C 348 -14.91 16.58 -1.17
N ALA C 349 -15.22 17.88 -1.13
CA ALA C 349 -16.45 18.40 -1.73
C ALA C 349 -16.23 19.03 -3.10
N ASP C 350 -15.00 19.41 -3.43
CA ASP C 350 -14.66 19.93 -4.75
C ASP C 350 -14.17 18.81 -5.67
N ARG C 351 -13.09 18.15 -5.28
CA ARG C 351 -12.58 16.99 -6.01
C ARG C 351 -13.27 15.75 -5.44
N LYS C 352 -13.83 14.93 -6.32
CA LYS C 352 -14.41 13.67 -5.87
C LYS C 352 -13.38 12.85 -5.10
N LEU C 353 -12.17 12.74 -5.65
CA LEU C 353 -11.04 12.10 -4.98
C LEU C 353 -9.78 12.89 -5.34
N ALA C 354 -9.25 13.63 -4.36
CA ALA C 354 -8.03 14.41 -4.54
C ALA C 354 -6.90 13.67 -3.85
N GLU C 355 -5.91 13.27 -4.64
CA GLU C 355 -4.80 12.47 -4.11
C GLU C 355 -3.95 13.28 -3.15
N VAL C 356 -3.93 12.89 -1.88
CA VAL C 356 -3.08 13.54 -0.89
C VAL C 356 -2.21 12.58 -0.10
N GLY C 357 -2.53 11.30 -0.06
CA GLY C 357 -1.80 10.36 0.76
C GLY C 357 -2.43 10.16 2.12
N ARG C 358 -2.04 9.07 2.77
CA ARG C 358 -2.60 8.74 4.07
C ARG C 358 -1.61 7.86 4.81
N VAL C 359 -1.49 8.10 6.11
CA VAL C 359 -0.67 7.27 7.00
C VAL C 359 -1.61 6.61 7.98
N TYR C 360 -1.58 5.28 8.02
CA TYR C 360 -2.39 4.54 8.95
C TYR C 360 -1.66 4.33 10.27
N LEU C 361 -2.40 3.90 11.28
CA LEU C 361 -1.83 3.53 12.56
C LEU C 361 -2.62 2.34 13.08
N PHE C 362 -2.04 1.15 12.98
CA PHE C 362 -2.68 -0.05 13.51
C PHE C 362 -2.10 -0.31 14.89
N LEU C 363 -2.75 0.25 15.90
CA LEU C 363 -2.32 0.03 17.27
C LEU C 363 -2.36 -1.46 17.57
N GLN C 364 -1.27 -2.01 18.08
CA GLN C 364 -1.35 -3.41 18.45
C GLN C 364 -2.14 -3.50 19.75
N PRO C 365 -3.25 -4.24 19.75
CA PRO C 365 -4.08 -4.28 20.94
C PRO C 365 -3.40 -5.03 22.07
N ARG C 366 -3.41 -4.45 23.25
CA ARG C 366 -2.91 -5.12 24.43
C ARG C 366 -3.93 -6.07 25.04
N GLY C 367 -5.16 -6.03 24.57
CA GLY C 367 -6.20 -6.89 25.07
C GLY C 367 -6.33 -8.16 24.27
N PRO C 368 -7.51 -8.78 24.32
CA PRO C 368 -7.69 -10.08 23.66
C PRO C 368 -7.97 -10.00 22.17
N HIS C 369 -8.26 -8.83 21.62
CA HIS C 369 -8.53 -8.74 20.20
C HIS C 369 -7.22 -8.64 19.42
N ALA C 370 -7.34 -8.45 18.11
CA ALA C 370 -6.21 -8.58 17.20
C ALA C 370 -5.95 -7.29 16.45
N LEU C 371 -4.69 -7.09 16.08
CA LEU C 371 -4.30 -5.95 15.26
C LEU C 371 -4.89 -6.10 13.86
N GLY C 372 -5.23 -4.98 13.25
CA GLY C 372 -5.83 -5.02 11.92
C GLY C 372 -6.88 -3.96 11.66
N ALA C 373 -7.43 -3.38 12.72
CA ALA C 373 -8.35 -2.27 12.58
C ALA C 373 -7.58 -0.97 12.66
N PRO C 374 -7.58 -0.14 11.61
CA PRO C 374 -6.78 1.10 11.66
C PRO C 374 -7.26 2.04 12.73
N SER C 375 -6.46 2.23 13.76
CA SER C 375 -6.88 3.06 14.90
C SER C 375 -6.92 4.53 14.54
N LEU C 376 -5.96 5.00 13.76
CA LEU C 376 -5.91 6.40 13.36
C LEU C 376 -5.66 6.48 11.86
N LEU C 377 -6.22 7.52 11.24
CA LEU C 377 -6.08 7.75 9.81
C LEU C 377 -5.57 9.16 9.61
N LEU C 378 -4.25 9.30 9.48
CA LEU C 378 -3.65 10.58 9.18
C LEU C 378 -3.69 10.80 7.68
N THR C 379 -4.16 11.97 7.27
CA THR C 379 -4.30 12.29 5.85
C THR C 379 -3.54 13.58 5.55
N GLY C 380 -2.95 13.63 4.36
CA GLY C 380 -2.22 14.81 3.96
C GLY C 380 -3.15 15.95 3.61
N THR C 381 -2.55 17.03 3.15
CA THR C 381 -3.29 18.23 2.80
C THR C 381 -3.06 18.70 1.38
N GLN C 382 -1.85 18.53 0.86
CA GLN C 382 -1.50 19.04 -0.46
C GLN C 382 -1.64 17.94 -1.50
N LEU C 383 -2.25 18.28 -2.64
CA LEU C 383 -2.44 17.31 -3.71
C LEU C 383 -1.10 16.81 -4.22
N TYR C 384 -1.04 15.51 -4.50
CA TYR C 384 0.17 14.85 -4.99
C TYR C 384 1.35 15.05 -4.06
N GLY C 385 1.06 15.27 -2.77
CA GLY C 385 2.12 15.38 -1.78
C GLY C 385 2.71 14.06 -1.36
N ARG C 386 2.06 12.95 -1.70
CA ARG C 386 2.53 11.61 -1.34
C ARG C 386 2.82 11.53 0.16
N PHE C 387 1.90 12.05 0.95
CA PHE C 387 2.02 12.05 2.40
C PHE C 387 2.01 10.62 2.89
N GLY C 388 3.16 10.11 3.29
CA GLY C 388 3.23 8.76 3.81
C GLY C 388 4.23 7.88 3.11
N SER C 389 5.04 8.46 2.22
CA SER C 389 6.02 7.67 1.49
C SER C 389 7.25 7.35 2.32
N ALA C 390 7.40 7.94 3.50
CA ALA C 390 8.55 7.65 4.34
C ALA C 390 8.19 8.01 5.78
N ILE C 391 8.01 6.99 6.62
CA ILE C 391 7.72 7.16 8.04
C ILE C 391 8.97 6.81 8.84
N ALA C 392 9.24 7.60 9.88
CA ALA C 392 10.47 7.45 10.66
C ALA C 392 10.16 7.44 12.15
N PRO C 393 10.28 6.32 12.82
CA PRO C 393 9.98 6.27 14.25
C PRO C 393 11.01 7.01 15.09
N LEU C 394 10.89 8.33 15.19
CA LEU C 394 11.83 9.13 15.97
C LEU C 394 11.97 8.68 17.42
N GLY C 395 11.06 7.84 17.91
CA GLY C 395 11.18 7.53 19.31
C GLY C 395 10.72 8.70 20.16
N ASP C 396 11.11 8.67 21.43
CA ASP C 396 10.65 9.66 22.39
C ASP C 396 11.31 10.99 22.07
N LEU C 397 10.65 11.82 21.25
CA LEU C 397 11.22 13.06 20.77
C LEU C 397 11.20 14.17 21.81
N ASP C 398 10.17 14.21 22.67
CA ASP C 398 10.05 15.25 23.68
C ASP C 398 10.17 14.68 25.10
N ARG C 399 10.57 13.43 25.24
CA ARG C 399 10.77 12.78 26.54
C ARG C 399 9.51 12.89 27.40
N ASP C 400 8.41 12.35 26.88
CA ASP C 400 7.16 12.25 27.63
C ASP C 400 6.67 10.81 27.68
N GLY C 401 7.54 9.85 27.47
CA GLY C 401 7.18 8.44 27.52
C GLY C 401 6.80 7.80 26.20
N TYR C 402 5.94 8.48 25.43
CA TYR C 402 5.37 7.89 24.23
C TYR C 402 6.17 8.29 23.00
N ASN C 403 6.42 7.33 22.12
CA ASN C 403 7.20 7.58 20.91
C ASN C 403 6.41 8.43 19.93
N ASP C 404 7.14 9.09 19.03
CA ASP C 404 6.59 10.10 18.12
C ASP C 404 7.17 9.88 16.74
N ILE C 405 6.38 9.36 15.81
CA ILE C 405 6.84 9.19 14.44
C ILE C 405 6.95 10.54 13.76
N ALA C 406 7.54 10.57 12.57
CA ALA C 406 7.56 11.77 11.74
C ALA C 406 7.31 11.36 10.30
N VAL C 407 6.16 11.72 9.76
CA VAL C 407 5.80 11.40 8.39
C VAL C 407 6.34 12.50 7.48
N ALA C 408 6.54 12.17 6.21
CA ALA C 408 7.05 13.14 5.24
C ALA C 408 6.23 13.11 3.97
N ALA C 409 5.89 14.29 3.46
CA ALA C 409 5.26 14.45 2.17
C ALA C 409 6.31 15.02 1.20
N PRO C 410 6.88 14.21 0.30
CA PRO C 410 7.94 14.73 -0.57
C PRO C 410 7.47 15.84 -1.49
N TYR C 411 6.17 15.98 -1.71
CA TYR C 411 5.67 17.06 -2.54
C TYR C 411 4.48 17.76 -1.87
N GLY C 412 4.40 17.70 -0.54
CA GLY C 412 3.38 18.41 0.20
C GLY C 412 3.74 19.86 0.38
N GLY C 413 3.18 20.46 1.42
CA GLY C 413 3.37 21.87 1.67
C GLY C 413 2.50 22.70 0.75
N PRO C 414 2.47 24.02 0.98
CA PRO C 414 1.65 24.90 0.14
C PRO C 414 2.26 25.22 -1.21
N SER C 415 3.44 24.67 -1.53
CA SER C 415 4.12 25.00 -2.77
C SER C 415 4.57 23.76 -3.52
N GLY C 416 4.78 22.66 -2.81
CA GLY C 416 5.18 21.42 -3.43
C GLY C 416 6.66 21.13 -3.43
N ARG C 417 7.43 21.67 -2.48
CA ARG C 417 8.85 21.42 -2.39
C ARG C 417 9.18 20.36 -1.35
N GLY C 418 8.18 19.74 -0.75
CA GLY C 418 8.39 18.74 0.27
C GLY C 418 7.98 19.25 1.65
N GLN C 419 7.80 18.31 2.57
CA GLN C 419 7.37 18.61 3.92
C GLN C 419 7.56 17.37 4.78
N VAL C 420 7.95 17.60 6.03
CA VAL C 420 8.06 16.55 7.04
C VAL C 420 7.20 16.94 8.22
N LEU C 421 6.23 16.09 8.56
CA LEU C 421 5.29 16.34 9.65
C LEU C 421 5.63 15.43 10.82
N VAL C 422 5.57 16.00 12.03
CA VAL C 422 5.90 15.28 13.25
C VAL C 422 4.62 15.04 14.02
N PHE C 423 4.22 13.76 14.13
CA PHE C 423 3.00 13.36 14.80
C PHE C 423 3.37 12.73 16.14
N LEU C 424 3.19 13.46 17.22
CA LEU C 424 3.38 12.87 18.53
C LEU C 424 2.25 11.88 18.84
N GLY C 425 2.53 10.93 19.72
CA GLY C 425 1.52 9.97 20.13
C GLY C 425 1.15 10.16 21.59
N GLN C 426 -0.11 10.51 21.87
CA GLN C 426 -0.44 10.93 23.22
C GLN C 426 -0.71 9.76 24.17
N SER C 427 -1.85 9.09 24.03
CA SER C 427 -2.12 7.86 24.78
C SER C 427 -2.89 6.81 24.01
N GLU C 428 -3.69 7.17 23.02
CA GLU C 428 -4.54 6.25 22.28
C GLU C 428 -4.08 6.16 20.84
N GLY C 429 -2.78 6.25 20.62
CA GLY C 429 -2.24 6.35 19.29
C GLY C 429 -1.62 7.70 19.06
N LEU C 430 -1.57 8.14 17.81
CA LEU C 430 -0.94 9.39 17.48
C LEU C 430 -1.91 10.55 17.66
N ARG C 431 -1.35 11.77 17.64
CA ARG C 431 -2.15 12.96 17.66
C ARG C 431 -2.80 13.20 16.30
N SER C 432 -4.03 13.74 16.33
CA SER C 432 -4.74 13.99 15.09
C SER C 432 -4.03 15.04 14.24
N ARG C 433 -3.54 16.10 14.86
CA ARG C 433 -2.90 17.20 14.15
C ARG C 433 -1.38 17.13 14.33
N PRO C 434 -0.62 17.35 13.26
CA PRO C 434 0.84 17.29 13.39
C PRO C 434 1.34 18.33 14.38
N SER C 435 2.26 17.91 15.25
CA SER C 435 2.81 18.81 16.24
C SER C 435 3.55 19.96 15.56
N GLN C 436 4.39 19.64 14.58
CA GLN C 436 5.12 20.65 13.82
C GLN C 436 5.47 20.10 12.46
N VAL C 437 5.41 20.96 11.45
CA VAL C 437 5.75 20.59 10.10
C VAL C 437 7.14 21.13 9.80
N LEU C 438 7.83 20.46 8.88
CA LEU C 438 9.18 20.84 8.47
C LEU C 438 9.15 21.16 6.99
N ASP C 439 8.84 22.41 6.65
CA ASP C 439 8.85 22.83 5.26
C ASP C 439 10.26 22.76 4.71
N SER C 440 10.38 22.22 3.51
CA SER C 440 11.69 21.91 2.95
C SER C 440 12.48 23.19 2.70
N PRO C 441 13.76 23.24 3.08
CA PRO C 441 14.62 24.37 2.72
C PRO C 441 15.31 24.23 1.38
N PHE C 442 14.95 23.24 0.57
CA PHE C 442 15.54 22.98 -0.73
C PHE C 442 14.58 23.40 -1.83
N PRO C 443 15.10 23.68 -3.03
CA PRO C 443 14.22 24.12 -4.13
C PRO C 443 13.25 23.04 -4.55
N THR C 444 12.32 23.44 -5.42
CA THR C 444 11.28 22.52 -5.88
C THR C 444 11.88 21.38 -6.68
N GLY C 445 11.36 20.18 -6.46
CA GLY C 445 11.88 18.98 -7.07
C GLY C 445 12.85 18.21 -6.22
N SER C 446 13.21 18.73 -5.05
CA SER C 446 14.17 18.06 -4.19
C SER C 446 13.63 16.78 -3.59
N ALA C 447 12.31 16.58 -3.61
CA ALA C 447 11.68 15.41 -3.01
C ALA C 447 12.08 15.25 -1.55
N PHE C 448 12.22 16.38 -0.86
CA PHE C 448 12.58 16.39 0.54
C PHE C 448 11.62 15.53 1.34
N GLY C 449 12.16 14.67 2.19
CA GLY C 449 11.36 13.74 2.95
C GLY C 449 11.25 12.35 2.34
N PHE C 450 11.93 12.09 1.24
CA PHE C 450 11.85 10.76 0.63
C PHE C 450 12.53 9.69 1.48
N SER C 451 13.30 10.07 2.49
CA SER C 451 13.94 9.08 3.36
C SER C 451 14.33 9.75 4.66
N LEU C 452 13.75 9.32 5.76
CA LEU C 452 14.04 9.84 7.08
C LEU C 452 14.63 8.75 7.95
N ARG C 453 15.28 9.17 9.03
CA ARG C 453 15.67 8.25 10.08
C ARG C 453 15.58 8.99 11.41
N GLY C 454 15.30 8.23 12.47
CA GLY C 454 15.15 8.84 13.77
C GLY C 454 15.56 7.93 14.91
N ALA C 455 15.27 8.37 16.14
CA ALA C 455 15.59 7.61 17.35
C ALA C 455 17.09 7.34 17.45
N VAL C 456 17.90 8.32 17.05
CA VAL C 456 19.35 8.25 17.18
C VAL C 456 19.84 9.63 17.57
N ASP C 457 20.33 9.76 18.81
CA ASP C 457 20.89 11.02 19.25
C ASP C 457 22.25 11.22 18.60
N ILE C 458 22.38 12.29 17.80
CA ILE C 458 23.57 12.43 16.97
C ILE C 458 24.59 13.39 17.60
N ASP C 459 24.20 14.17 18.60
CA ASP C 459 25.14 15.04 19.30
C ASP C 459 24.93 15.02 20.81
N ASP C 460 24.12 14.09 21.31
CA ASP C 460 23.92 13.87 22.75
C ASP C 460 23.31 15.10 23.43
N ASN C 461 22.20 15.60 22.86
CA ASN C 461 21.33 16.47 23.63
C ASN C 461 20.43 15.68 24.57
N GLY C 462 20.47 14.35 24.51
CA GLY C 462 19.52 13.50 25.18
C GLY C 462 18.27 13.21 24.37
N TYR C 463 18.09 13.88 23.24
CA TYR C 463 16.88 13.79 22.44
C TYR C 463 17.19 13.26 21.05
N PRO C 464 16.35 12.38 20.52
CA PRO C 464 16.60 11.84 19.18
C PRO C 464 16.54 12.94 18.14
N ASP C 465 17.38 12.81 17.12
CA ASP C 465 17.57 13.83 16.11
C ASP C 465 17.23 13.29 14.73
N LEU C 466 16.29 13.95 14.06
CA LEU C 466 15.75 13.49 12.78
C LEU C 466 16.59 14.06 11.65
N ILE C 467 16.97 13.19 10.72
CA ILE C 467 17.70 13.58 9.51
C ILE C 467 16.86 13.19 8.30
N VAL C 468 16.72 14.12 7.36
CA VAL C 468 15.80 13.98 6.23
C VAL C 468 16.61 13.93 4.95
N GLY C 469 16.32 12.94 4.12
CA GLY C 469 17.05 12.78 2.87
C GLY C 469 16.39 13.40 1.67
N ALA C 470 16.84 14.59 1.29
CA ALA C 470 16.33 15.28 0.11
C ALA C 470 17.21 14.89 -1.07
N TYR C 471 16.83 13.81 -1.75
CA TYR C 471 17.67 13.28 -2.81
C TYR C 471 17.60 14.09 -4.10
N GLY C 472 16.51 14.83 -4.32
CA GLY C 472 16.42 15.64 -5.52
C GLY C 472 17.44 16.77 -5.55
N ALA C 473 17.72 17.35 -4.39
CA ALA C 473 18.72 18.41 -4.27
C ALA C 473 20.08 17.88 -3.88
N ASN C 474 20.25 16.55 -3.86
CA ASN C 474 21.53 15.91 -3.58
C ASN C 474 22.11 16.38 -2.25
N GLN C 475 21.25 16.51 -1.25
CA GLN C 475 21.67 16.94 0.08
C GLN C 475 20.90 16.15 1.12
N VAL C 476 21.37 16.24 2.36
CA VAL C 476 20.70 15.65 3.51
C VAL C 476 20.66 16.70 4.61
N ALA C 477 19.48 16.92 5.17
CA ALA C 477 19.31 17.88 6.25
C ALA C 477 19.19 17.16 7.58
N VAL C 478 19.85 17.71 8.60
CA VAL C 478 19.84 17.15 9.95
C VAL C 478 19.10 18.12 10.85
N TYR C 479 18.03 17.66 11.48
CA TYR C 479 17.22 18.47 12.35
C TYR C 479 17.48 18.06 13.80
N ARG C 480 18.37 18.78 14.47
CA ARG C 480 18.68 18.51 15.86
C ARG C 480 17.50 18.94 16.72
N ALA C 481 17.11 18.07 17.66
CA ALA C 481 15.93 18.33 18.49
C ALA C 481 16.34 19.04 19.77
N GLN C 482 16.34 20.37 19.71
CA GLN C 482 16.60 21.17 20.90
C GLN C 482 15.47 20.96 21.92
N PRO C 483 15.80 20.69 23.18
CA PRO C 483 14.77 20.51 24.21
C PRO C 483 13.96 21.75 24.51
N PHE D 82 -30.78 48.04 4.13
CA PHE D 82 -30.13 46.76 4.37
C PHE D 82 -29.64 46.13 3.08
N PRO D 83 -28.44 45.56 3.11
CA PRO D 83 -27.89 44.91 1.92
C PRO D 83 -28.71 43.69 1.52
N VAL D 84 -28.68 43.39 0.22
CA VAL D 84 -29.40 42.25 -0.33
C VAL D 84 -28.48 41.54 -1.32
N SER D 85 -28.72 40.24 -1.50
CA SER D 85 -27.98 39.43 -2.45
C SER D 85 -28.83 39.18 -3.70
N GLU D 86 -28.16 39.15 -4.85
CA GLU D 86 -28.83 38.92 -6.12
C GLU D 86 -27.81 38.34 -7.10
N ALA D 87 -28.30 37.56 -8.06
CA ALA D 87 -27.44 36.87 -9.02
C ALA D 87 -28.08 36.97 -10.41
N ARG D 88 -27.34 37.51 -11.36
CA ARG D 88 -27.79 37.59 -12.75
C ARG D 88 -26.96 36.67 -13.64
N VAL D 89 -27.60 36.18 -14.69
CA VAL D 89 -26.89 35.50 -15.76
C VAL D 89 -26.28 36.54 -16.69
N LEU D 90 -25.31 36.12 -17.50
CA LEU D 90 -24.68 37.01 -18.46
C LEU D 90 -24.95 36.58 -19.89
N GLU D 91 -24.61 35.34 -20.25
CA GLU D 91 -24.85 34.87 -21.62
C GLU D 91 -26.18 34.12 -21.73
N ASP D 92 -26.29 33.01 -21.01
CA ASP D 92 -27.53 32.21 -20.92
C ASP D 92 -28.14 31.99 -22.30
N ARG D 93 -27.34 31.44 -23.19
CA ARG D 93 -27.77 31.20 -24.56
C ARG D 93 -28.59 29.91 -24.64
N PRO D 94 -29.46 29.80 -25.65
CA PRO D 94 -30.30 28.60 -25.76
C PRO D 94 -29.49 27.35 -26.08
N LEU D 95 -29.95 26.23 -25.54
CA LEU D 95 -29.36 24.94 -25.87
C LEU D 95 -29.61 24.62 -27.34
N SER D 96 -28.61 24.03 -27.98
CA SER D 96 -28.66 23.75 -29.41
C SER D 96 -29.24 22.35 -29.64
N ASP D 97 -30.24 22.28 -30.51
CA ASP D 97 -30.85 20.99 -30.83
C ASP D 97 -29.85 20.06 -31.50
N LYS D 98 -29.38 20.44 -32.68
CA LYS D 98 -28.45 19.63 -33.45
C LYS D 98 -27.02 20.12 -33.25
N GLY D 99 -26.08 19.24 -33.58
CA GLY D 99 -24.66 19.56 -33.43
C GLY D 99 -23.86 19.36 -34.69
N SER D 100 -24.55 19.11 -35.81
CA SER D 100 -23.88 18.92 -37.09
C SER D 100 -23.47 20.22 -37.75
N GLY D 101 -23.73 21.36 -37.10
CA GLY D 101 -23.31 22.65 -37.62
C GLY D 101 -21.79 22.71 -37.73
N ASP D 102 -21.31 23.39 -38.76
CA ASP D 102 -19.87 23.43 -39.03
C ASP D 102 -19.11 24.10 -37.90
N SER D 103 -19.37 25.39 -37.67
CA SER D 103 -18.66 26.14 -36.64
C SER D 103 -19.59 27.07 -35.87
N SER D 104 -20.87 26.69 -35.75
CA SER D 104 -21.83 27.54 -35.06
C SER D 104 -21.63 27.57 -33.55
N GLN D 105 -20.62 26.88 -33.03
CA GLN D 105 -20.30 26.87 -31.60
C GLN D 105 -21.49 26.35 -30.79
N VAL D 106 -21.82 25.09 -31.02
CA VAL D 106 -22.86 24.38 -30.28
C VAL D 106 -22.59 24.50 -28.79
N THR D 107 -23.58 24.99 -28.04
CA THR D 107 -23.48 25.07 -26.60
C THR D 107 -24.35 24.00 -25.95
N GLN D 108 -23.76 23.30 -24.99
CA GLN D 108 -24.45 22.22 -24.29
C GLN D 108 -24.73 22.55 -22.84
N VAL D 109 -24.51 23.80 -22.42
CA VAL D 109 -24.79 24.24 -21.06
C VAL D 109 -25.48 25.59 -21.14
N SER D 110 -26.38 25.85 -20.19
CA SER D 110 -26.97 27.16 -20.04
C SER D 110 -27.39 27.35 -18.59
N PRO D 111 -27.10 28.50 -17.97
CA PRO D 111 -26.39 29.66 -18.52
C PRO D 111 -24.89 29.43 -18.70
N GLN D 112 -24.17 30.48 -19.09
CA GLN D 112 -22.73 30.41 -19.27
C GLN D 112 -21.95 31.21 -18.24
N ARG D 113 -22.46 32.35 -17.80
CA ARG D 113 -21.79 33.14 -16.78
C ARG D 113 -22.79 33.55 -15.72
N ILE D 114 -22.34 33.58 -14.47
CA ILE D 114 -23.14 34.03 -13.34
C ILE D 114 -22.39 35.16 -12.64
N ALA D 115 -23.16 36.15 -12.17
CA ALA D 115 -22.57 37.27 -11.47
C ALA D 115 -22.98 37.23 -10.02
N LEU D 116 -22.90 36.04 -9.42
CA LEU D 116 -23.35 35.79 -8.06
C LEU D 116 -22.82 36.84 -7.09
N ARG D 117 -23.73 37.61 -6.52
CA ARG D 117 -23.41 38.62 -5.51
C ARG D 117 -24.04 38.16 -4.21
N LEU D 118 -23.21 37.75 -3.26
CA LEU D 118 -23.70 37.07 -2.07
C LEU D 118 -22.96 37.58 -0.84
N ARG D 119 -23.72 37.87 0.21
CA ARG D 119 -23.19 38.40 1.45
C ARG D 119 -22.49 37.30 2.23
N PRO D 120 -21.64 37.65 3.19
CA PRO D 120 -21.01 36.63 4.03
C PRO D 120 -22.06 35.81 4.77
N ASP D 121 -21.84 34.49 4.83
CA ASP D 121 -22.71 33.55 5.55
C ASP D 121 -24.14 33.61 5.02
N ASP D 122 -24.28 33.31 3.73
CA ASP D 122 -25.59 33.27 3.08
C ASP D 122 -25.57 32.21 1.99
N SER D 123 -26.60 32.23 1.14
CA SER D 123 -26.72 31.28 0.04
C SER D 123 -27.75 31.79 -0.96
N LYS D 124 -27.39 31.77 -2.23
CA LYS D 124 -28.27 32.18 -3.32
C LYS D 124 -28.10 31.18 -4.46
N ASN D 125 -29.17 30.48 -4.83
CA ASN D 125 -28.96 29.38 -5.75
C ASN D 125 -28.84 29.92 -7.17
N PHE D 126 -28.55 29.01 -8.11
CA PHE D 126 -28.65 29.31 -9.53
C PHE D 126 -28.80 27.99 -10.26
N SER D 127 -29.73 27.95 -11.22
CA SER D 127 -30.10 26.72 -11.89
C SER D 127 -29.48 26.66 -13.27
N ILE D 128 -28.86 25.52 -13.58
CA ILE D 128 -28.28 25.28 -14.89
C ILE D 128 -29.01 24.11 -15.52
N GLN D 129 -28.89 24.01 -16.84
CA GLN D 129 -29.52 22.90 -17.58
C GLN D 129 -28.58 22.49 -18.73
N VAL D 130 -27.86 21.39 -18.52
CA VAL D 130 -26.99 20.85 -19.54
C VAL D 130 -27.79 19.97 -20.50
N ARG D 131 -27.16 19.61 -21.61
CA ARG D 131 -27.84 18.81 -22.62
C ARG D 131 -26.81 18.09 -23.48
N GLN D 132 -27.08 16.83 -23.79
CA GLN D 132 -26.30 16.07 -24.76
C GLN D 132 -26.90 16.31 -26.14
N VAL D 133 -26.13 16.92 -27.03
CA VAL D 133 -26.65 17.28 -28.34
C VAL D 133 -26.48 16.11 -29.30
N GLU D 134 -27.27 16.12 -30.38
CA GLU D 134 -27.17 15.09 -31.41
C GLU D 134 -26.08 15.47 -32.41
N ASP D 135 -25.44 14.43 -32.96
CA ASP D 135 -24.39 14.58 -33.95
C ASP D 135 -23.30 15.54 -33.47
N TYR D 136 -22.71 15.21 -32.34
CA TYR D 136 -21.59 15.96 -31.78
C TYR D 136 -20.29 15.26 -32.13
N PRO D 137 -19.27 16.00 -32.57
CA PRO D 137 -18.03 15.35 -33.01
C PRO D 137 -17.40 14.50 -31.92
N VAL D 138 -16.86 13.36 -32.33
CA VAL D 138 -16.29 12.38 -31.40
C VAL D 138 -14.86 12.07 -31.83
N ASP D 139 -14.00 11.89 -30.84
CA ASP D 139 -12.58 11.59 -31.08
C ASP D 139 -12.26 10.25 -30.44
N ILE D 140 -12.17 9.21 -31.26
CA ILE D 140 -11.86 7.86 -30.79
C ILE D 140 -10.36 7.65 -30.97
N TYR D 141 -9.59 7.88 -29.92
CA TYR D 141 -8.14 7.66 -29.97
C TYR D 141 -7.87 6.26 -29.43
N TYR D 142 -7.79 5.29 -30.34
CA TYR D 142 -7.71 3.89 -29.95
C TYR D 142 -6.34 3.59 -29.40
N LEU D 143 -6.16 3.81 -28.11
CA LEU D 143 -4.89 3.57 -27.42
C LEU D 143 -4.91 2.15 -26.87
N MET D 144 -4.20 1.25 -27.51
CA MET D 144 -4.24 -0.16 -27.16
C MET D 144 -2.90 -0.65 -26.64
N ASP D 145 -2.95 -1.71 -25.85
CA ASP D 145 -1.76 -2.44 -25.45
C ASP D 145 -1.17 -3.15 -26.66
N LEU D 146 0.13 -3.47 -26.57
CA LEU D 146 0.80 -4.21 -27.64
C LEU D 146 1.76 -5.27 -27.09
N SER D 147 1.43 -5.88 -25.95
CA SER D 147 2.26 -6.98 -25.46
C SER D 147 2.12 -8.19 -26.37
N TYR D 148 2.91 -9.23 -26.08
CA TYR D 148 2.84 -10.42 -26.92
C TYR D 148 1.49 -11.12 -26.78
N SER D 149 0.89 -11.07 -25.60
CA SER D 149 -0.45 -11.61 -25.42
C SER D 149 -1.47 -10.85 -26.25
N MET D 150 -1.10 -9.69 -26.77
CA MET D 150 -2.00 -8.80 -27.49
C MET D 150 -1.95 -9.05 -29.00
N LYS D 151 -1.13 -10.01 -29.46
CA LYS D 151 -0.97 -10.27 -30.89
C LYS D 151 -2.17 -10.98 -31.50
N ASP D 152 -2.99 -11.65 -30.71
CA ASP D 152 -4.25 -12.18 -31.21
C ASP D 152 -5.23 -11.08 -31.55
N ASP D 153 -4.90 -9.84 -31.20
CA ASP D 153 -5.80 -8.70 -31.32
C ASP D 153 -5.42 -7.76 -32.46
N LEU D 154 -4.15 -7.77 -32.87
CA LEU D 154 -3.74 -7.00 -34.04
C LEU D 154 -4.28 -7.59 -35.33
N TRP D 155 -4.83 -8.79 -35.31
CA TRP D 155 -5.45 -9.38 -36.50
C TRP D 155 -6.94 -9.11 -36.59
N SER D 156 -7.55 -8.58 -35.53
CA SER D 156 -8.93 -8.12 -35.59
C SER D 156 -9.02 -6.63 -35.86
N ILE D 157 -8.23 -5.84 -35.13
CA ILE D 157 -8.20 -4.39 -35.31
C ILE D 157 -7.70 -4.00 -36.69
N GLN D 158 -6.95 -4.88 -37.36
CA GLN D 158 -6.31 -4.53 -38.63
C GLN D 158 -7.32 -4.25 -39.73
N ASN D 159 -8.61 -4.35 -39.42
CA ASN D 159 -9.66 -3.88 -40.31
C ASN D 159 -10.63 -2.94 -39.60
N LEU D 160 -10.36 -2.60 -38.34
CA LEU D 160 -11.18 -1.65 -37.62
C LEU D 160 -10.91 -0.23 -38.14
N GLY D 161 -11.76 0.70 -37.71
CA GLY D 161 -11.69 2.06 -38.22
C GLY D 161 -12.66 2.25 -39.38
N THR D 162 -12.51 1.42 -40.41
CA THR D 162 -13.51 1.40 -41.48
C THR D 162 -14.85 0.95 -40.94
N LYS D 163 -14.86 -0.12 -40.16
CA LYS D 163 -16.10 -0.58 -39.53
C LYS D 163 -16.56 0.39 -38.45
N LEU D 164 -15.63 0.95 -37.68
CA LEU D 164 -16.02 1.88 -36.61
C LEU D 164 -16.67 3.13 -37.18
N ALA D 165 -16.16 3.63 -38.31
CA ALA D 165 -16.76 4.81 -38.94
C ALA D 165 -18.21 4.54 -39.32
N THR D 166 -18.42 3.58 -40.22
CA THR D 166 -19.75 3.34 -40.76
C THR D 166 -20.75 2.91 -39.68
N GLN D 167 -20.27 2.39 -38.56
CA GLN D 167 -21.14 1.96 -37.48
C GLN D 167 -21.27 3.00 -36.37
N MET D 168 -20.45 4.04 -36.39
CA MET D 168 -20.66 5.21 -35.54
C MET D 168 -21.18 6.41 -36.34
N ARG D 169 -21.17 6.30 -37.68
CA ARG D 169 -21.64 7.39 -38.54
C ARG D 169 -23.09 7.78 -38.28
N LYS D 170 -23.89 6.88 -37.71
CA LYS D 170 -25.27 7.18 -37.37
C LYS D 170 -25.43 7.74 -35.96
N LEU D 171 -24.39 7.73 -35.14
CA LEU D 171 -24.42 8.33 -33.82
C LEU D 171 -23.63 9.62 -33.72
N THR D 172 -22.90 9.98 -34.77
CA THR D 172 -22.18 11.25 -34.81
C THR D 172 -22.09 11.70 -36.26
N SER D 173 -21.87 13.00 -36.45
CA SER D 173 -21.82 13.55 -37.80
C SER D 173 -20.43 13.42 -38.42
N ASN D 174 -19.38 13.65 -37.65
CA ASN D 174 -18.01 13.60 -38.17
C ASN D 174 -17.03 13.29 -37.04
N LEU D 175 -16.45 12.10 -37.07
CA LEU D 175 -15.54 11.68 -36.02
C LEU D 175 -14.11 11.67 -36.54
N ARG D 176 -13.17 11.76 -35.59
CA ARG D 176 -11.76 11.56 -35.86
C ARG D 176 -11.26 10.38 -35.04
N ILE D 177 -10.57 9.45 -35.69
CA ILE D 177 -10.03 8.28 -35.00
C ILE D 177 -8.52 8.32 -35.07
N GLY D 178 -7.87 8.07 -33.94
CA GLY D 178 -6.43 8.01 -33.87
C GLY D 178 -5.96 6.65 -33.40
N PHE D 179 -4.68 6.50 -33.09
CA PHE D 179 -4.16 5.21 -32.66
C PHE D 179 -2.89 5.41 -31.85
N GLY D 180 -2.94 5.03 -30.58
CA GLY D 180 -1.76 4.99 -29.74
C GLY D 180 -1.36 3.56 -29.48
N ALA D 181 -0.25 3.36 -28.78
CA ALA D 181 0.23 2.01 -28.50
C ALA D 181 1.22 2.06 -27.36
N PHE D 182 1.36 0.94 -26.66
CA PHE D 182 2.25 0.88 -25.52
C PHE D 182 2.50 -0.58 -25.14
N VAL D 183 3.62 -0.83 -24.49
CA VAL D 183 3.83 -2.10 -23.80
C VAL D 183 4.19 -1.81 -22.34
N ASP D 184 5.31 -1.13 -22.13
CA ASP D 184 5.80 -0.80 -20.80
C ASP D 184 7.07 0.05 -20.92
N LYS D 185 7.65 0.42 -19.79
CA LYS D 185 8.89 1.18 -19.80
C LYS D 185 9.99 0.34 -20.44
N PRO D 186 10.65 0.84 -21.48
CA PRO D 186 11.70 0.05 -22.13
C PRO D 186 12.97 0.01 -21.31
N VAL D 187 12.91 -0.64 -20.16
CA VAL D 187 14.00 -0.67 -19.18
C VAL D 187 13.85 -1.94 -18.36
N SER D 188 14.93 -2.35 -17.73
CA SER D 188 14.88 -3.50 -16.86
C SER D 188 14.29 -3.14 -15.51
N PRO D 189 13.56 -4.05 -14.84
CA PRO D 189 13.27 -5.43 -15.24
C PRO D 189 11.93 -5.62 -15.92
N TYR D 190 11.50 -4.67 -16.74
CA TYR D 190 10.30 -4.86 -17.54
C TYR D 190 10.59 -5.41 -18.93
N MET D 191 11.82 -5.28 -19.41
CA MET D 191 12.20 -5.76 -20.74
C MET D 191 13.38 -6.71 -20.62
N TYR D 192 13.46 -7.62 -21.59
CA TYR D 192 14.58 -8.56 -21.65
C TYR D 192 15.79 -7.86 -22.26
N ILE D 193 16.86 -7.75 -21.50
CA ILE D 193 18.05 -7.02 -21.96
C ILE D 193 19.24 -7.95 -22.09
N SER D 194 18.99 -9.25 -22.28
CA SER D 194 20.06 -10.21 -22.52
C SER D 194 19.46 -11.47 -23.10
N PRO D 195 20.08 -12.10 -24.10
CA PRO D 195 21.33 -11.71 -24.76
C PRO D 195 21.17 -10.41 -25.54
N PRO D 196 22.27 -9.76 -25.93
CA PRO D 196 22.16 -8.43 -26.55
C PRO D 196 21.21 -8.37 -27.74
N GLU D 197 20.92 -9.53 -28.33
CA GLU D 197 19.91 -9.59 -29.38
C GLU D 197 18.51 -9.31 -28.84
N ALA D 198 18.27 -9.51 -27.55
CA ALA D 198 16.93 -9.36 -27.00
C ALA D 198 16.44 -7.92 -27.12
N LEU D 199 17.33 -6.95 -26.91
CA LEU D 199 16.92 -5.55 -27.10
C LEU D 199 16.53 -5.28 -28.55
N GLU D 200 17.17 -5.96 -29.50
CA GLU D 200 16.79 -5.81 -30.90
C GLU D 200 15.44 -6.45 -31.17
N ASN D 201 15.18 -7.61 -30.57
CA ASN D 201 13.87 -8.22 -30.62
C ASN D 201 13.69 -9.08 -29.38
N PRO D 202 12.69 -8.81 -28.54
CA PRO D 202 12.52 -9.59 -27.30
C PRO D 202 11.93 -10.96 -27.52
N CYS D 203 11.42 -11.24 -28.72
CA CYS D 203 10.93 -12.57 -29.03
C CYS D 203 12.09 -13.45 -29.48
N TYR D 204 13.19 -13.46 -28.74
CA TYR D 204 14.35 -14.20 -29.20
C TYR D 204 14.38 -15.60 -28.61
N ASP D 205 14.07 -15.73 -27.32
CA ASP D 205 13.91 -17.05 -26.74
C ASP D 205 12.76 -17.79 -27.41
N MET D 206 11.65 -17.11 -27.66
CA MET D 206 10.62 -17.65 -28.53
C MET D 206 11.14 -17.72 -29.97
N LYS D 207 10.47 -18.54 -30.78
CA LYS D 207 10.92 -18.73 -32.15
C LYS D 207 10.62 -17.53 -33.05
N THR D 208 9.63 -16.72 -32.71
CA THR D 208 9.16 -15.66 -33.59
C THR D 208 10.08 -14.45 -33.51
N THR D 209 9.62 -13.33 -34.07
CA THR D 209 10.31 -12.06 -33.96
C THR D 209 9.28 -10.96 -33.73
N CYS D 210 9.68 -9.95 -32.96
CA CYS D 210 8.78 -8.86 -32.62
C CYS D 210 9.61 -7.61 -32.37
N LEU D 211 8.96 -6.45 -32.46
CA LEU D 211 9.64 -5.17 -32.33
C LEU D 211 10.20 -4.99 -30.93
N PRO D 212 11.24 -4.17 -30.78
CA PRO D 212 11.72 -3.83 -29.43
C PRO D 212 10.63 -3.17 -28.62
N MET D 213 10.89 -3.01 -27.32
CA MET D 213 9.89 -2.44 -26.45
C MET D 213 9.85 -0.92 -26.58
N PHE D 214 8.63 -0.38 -26.49
CA PHE D 214 8.37 1.05 -26.52
C PHE D 214 7.46 1.42 -25.37
N GLY D 215 7.69 2.60 -24.79
CA GLY D 215 6.87 3.02 -23.66
C GLY D 215 5.50 3.50 -24.10
N TYR D 216 5.46 4.41 -25.06
CA TYR D 216 4.22 4.86 -25.68
C TYR D 216 4.59 5.50 -27.00
N LYS D 217 4.14 4.90 -28.10
CA LYS D 217 4.46 5.39 -29.44
C LYS D 217 3.16 5.85 -30.08
N HIS D 218 2.92 7.15 -30.08
CA HIS D 218 1.82 7.69 -30.87
C HIS D 218 2.00 7.28 -32.32
N VAL D 219 0.95 6.77 -32.93
CA VAL D 219 1.02 6.13 -34.23
C VAL D 219 0.27 6.94 -35.30
N LEU D 220 -0.93 7.40 -34.97
CA LEU D 220 -1.77 8.10 -35.94
C LEU D 220 -2.47 9.25 -35.25
N THR D 221 -2.26 10.46 -35.75
CA THR D 221 -2.97 11.63 -35.23
C THR D 221 -4.45 11.53 -35.58
N LEU D 222 -5.27 12.13 -34.73
CA LEU D 222 -6.72 12.10 -34.94
C LEU D 222 -7.08 12.69 -36.30
N THR D 223 -7.55 11.85 -37.20
CA THR D 223 -7.86 12.26 -38.56
C THR D 223 -9.30 11.99 -38.90
N ASP D 224 -9.87 12.87 -39.74
CA ASP D 224 -11.26 12.72 -40.16
C ASP D 224 -11.43 11.49 -41.05
N GLN D 225 -10.55 11.33 -42.03
CA GLN D 225 -10.66 10.19 -42.93
C GLN D 225 -10.21 8.91 -42.23
N VAL D 226 -11.05 7.88 -42.31
CA VAL D 226 -10.84 6.67 -41.53
C VAL D 226 -9.98 5.64 -42.26
N THR D 227 -9.90 5.70 -43.58
CA THR D 227 -9.04 4.78 -44.32
C THR D 227 -7.57 4.99 -44.00
N ARG D 228 -7.23 5.97 -43.16
CA ARG D 228 -5.89 6.17 -42.65
C ARG D 228 -5.62 5.36 -41.40
N PHE D 229 -6.66 4.83 -40.75
CA PHE D 229 -6.49 4.04 -39.53
C PHE D 229 -6.37 2.55 -39.80
N ASN D 230 -7.17 2.00 -40.73
CA ASN D 230 -7.01 0.59 -41.08
C ASN D 230 -5.73 0.33 -41.86
N GLU D 231 -5.12 1.35 -42.45
CA GLU D 231 -3.81 1.23 -43.09
C GLU D 231 -2.65 1.35 -42.10
N GLU D 232 -2.85 2.10 -41.01
CA GLU D 232 -1.78 2.41 -40.08
C GLU D 232 -1.78 1.46 -38.88
N VAL D 233 -2.61 0.43 -38.90
CA VAL D 233 -2.58 -0.64 -37.92
C VAL D 233 -1.90 -1.88 -38.47
N LYS D 234 -2.04 -2.14 -39.77
CA LYS D 234 -1.30 -3.22 -40.41
C LYS D 234 0.19 -3.06 -40.22
N LYS D 235 0.68 -1.82 -40.10
CA LYS D 235 2.08 -1.54 -39.86
C LYS D 235 2.44 -1.52 -38.39
N GLN D 236 1.65 -2.19 -37.55
CA GLN D 236 1.91 -2.28 -36.12
C GLN D 236 2.12 -3.73 -35.72
N SER D 237 3.05 -3.96 -34.81
CA SER D 237 3.36 -5.30 -34.34
C SER D 237 3.62 -5.25 -32.84
N VAL D 238 3.42 -6.39 -32.21
CA VAL D 238 3.47 -6.48 -30.75
C VAL D 238 4.90 -6.55 -30.27
N SER D 239 5.14 -6.06 -29.07
CA SER D 239 6.43 -6.17 -28.39
C SER D 239 6.19 -6.75 -27.01
N ARG D 240 6.99 -7.75 -26.62
CA ARG D 240 6.71 -8.46 -25.39
C ARG D 240 7.54 -7.92 -24.23
N ASN D 241 6.97 -8.04 -23.04
CA ASN D 241 7.55 -7.52 -21.81
C ASN D 241 7.87 -8.69 -20.88
N ARG D 242 8.26 -8.36 -19.66
CA ARG D 242 8.62 -9.39 -18.67
C ARG D 242 7.48 -9.66 -17.69
N ASP D 243 7.02 -8.64 -16.99
CA ASP D 243 5.99 -8.83 -15.98
C ASP D 243 4.59 -8.70 -16.59
N ALA D 244 3.63 -9.32 -15.93
CA ALA D 244 2.24 -9.22 -16.38
C ALA D 244 1.73 -7.79 -16.47
N PRO D 245 1.99 -6.87 -15.52
CA PRO D 245 1.49 -5.51 -15.68
C PRO D 245 2.09 -4.83 -16.89
N GLU D 246 1.36 -3.83 -17.39
CA GLU D 246 1.76 -3.08 -18.57
C GLU D 246 1.78 -1.61 -18.24
N GLY D 247 2.66 -0.88 -18.92
CA GLY D 247 2.79 0.55 -18.70
C GLY D 247 1.69 1.34 -19.39
N GLY D 248 0.44 0.94 -19.14
CA GLY D 248 -0.68 1.58 -19.82
C GLY D 248 -0.83 3.04 -19.44
N PHE D 249 -0.67 3.36 -18.16
CA PHE D 249 -0.99 4.69 -17.70
C PHE D 249 0.02 5.73 -18.15
N ASP D 250 1.24 5.32 -18.51
CA ASP D 250 2.13 6.23 -19.22
C ASP D 250 1.51 6.67 -20.54
N ALA D 251 0.71 5.82 -21.17
CA ALA D 251 0.10 6.14 -22.45
C ALA D 251 -1.18 6.95 -22.27
N ILE D 252 -2.03 6.55 -21.33
CA ILE D 252 -3.27 7.26 -21.08
C ILE D 252 -3.00 8.72 -20.73
N MET D 253 -1.85 9.01 -20.14
CA MET D 253 -1.59 10.38 -19.69
C MET D 253 -0.94 11.20 -20.78
N GLN D 254 0.00 10.62 -21.53
CA GLN D 254 0.59 11.32 -22.66
C GLN D 254 -0.46 11.58 -23.73
N ALA D 255 -1.32 10.61 -24.01
CA ALA D 255 -2.40 10.82 -24.96
C ALA D 255 -3.37 11.89 -24.49
N THR D 256 -3.37 12.20 -23.19
CA THR D 256 -4.23 13.23 -22.65
C THR D 256 -3.57 14.60 -22.65
N VAL D 257 -2.28 14.66 -22.34
CA VAL D 257 -1.59 15.93 -22.19
C VAL D 257 -0.79 16.29 -23.44
N CYS D 258 -1.09 15.66 -24.58
CA CYS D 258 -0.51 16.04 -25.86
C CYS D 258 -1.68 16.35 -26.79
N ASP D 259 -2.20 17.57 -26.71
CA ASP D 259 -3.36 17.92 -27.52
C ASP D 259 -3.00 18.13 -28.97
N GLU D 260 -1.88 18.81 -29.23
CA GLU D 260 -1.49 19.11 -30.60
C GLU D 260 -1.05 17.85 -31.34
N LYS D 261 -0.37 16.93 -30.65
CA LYS D 261 0.16 15.74 -31.31
C LYS D 261 -0.95 14.79 -31.73
N ILE D 262 -1.72 14.29 -30.76
CA ILE D 262 -2.85 13.41 -31.10
C ILE D 262 -3.89 14.17 -31.91
N GLY D 263 -4.18 15.40 -31.53
CA GLY D 263 -5.10 16.23 -32.27
C GLY D 263 -6.52 16.26 -31.78
N TRP D 264 -6.74 16.32 -30.47
CA TRP D 264 -8.08 16.41 -29.91
C TRP D 264 -8.84 17.59 -30.49
N ARG D 265 -9.90 17.35 -31.24
CA ARG D 265 -10.77 18.43 -31.68
C ARG D 265 -11.38 19.08 -30.44
N ASN D 266 -11.06 20.35 -30.22
CA ASN D 266 -11.46 21.01 -28.99
C ASN D 266 -12.98 21.09 -28.86
N ASP D 267 -13.68 21.25 -29.98
CA ASP D 267 -15.15 21.30 -29.98
C ASP D 267 -15.72 19.91 -30.26
N ALA D 268 -15.42 18.98 -29.36
CA ALA D 268 -15.84 17.60 -29.54
C ALA D 268 -15.74 16.88 -28.19
N SER D 269 -16.36 15.70 -28.14
CA SER D 269 -16.27 14.82 -26.99
C SER D 269 -15.28 13.71 -27.30
N HIS D 270 -14.32 13.51 -26.41
CA HIS D 270 -13.16 12.66 -26.66
C HIS D 270 -13.31 11.34 -25.92
N LEU D 271 -13.17 10.24 -26.64
CA LEU D 271 -13.25 8.90 -26.07
C LEU D 271 -11.89 8.23 -26.24
N LEU D 272 -11.21 7.99 -25.12
CA LEU D 272 -9.87 7.42 -25.13
C LEU D 272 -9.94 5.91 -24.87
N VAL D 273 -10.37 5.18 -25.91
CA VAL D 273 -10.49 3.74 -25.81
C VAL D 273 -9.14 3.16 -25.40
N PHE D 274 -9.09 2.52 -24.25
CA PHE D 274 -7.86 2.04 -23.64
C PHE D 274 -7.89 0.51 -23.61
N THR D 275 -7.41 -0.10 -24.68
CA THR D 275 -7.50 -1.55 -24.85
C THR D 275 -6.30 -2.22 -24.18
N THR D 276 -6.56 -2.97 -23.12
CA THR D 276 -5.51 -3.69 -22.41
C THR D 276 -6.06 -5.02 -21.92
N ASP D 277 -5.14 -5.93 -21.58
CA ASP D 277 -5.54 -7.24 -21.06
C ASP D 277 -4.77 -7.64 -19.81
N ALA D 278 -4.28 -6.68 -19.03
CA ALA D 278 -3.56 -6.98 -17.81
C ALA D 278 -3.53 -5.72 -16.95
N LYS D 279 -3.17 -5.89 -15.69
CA LYS D 279 -3.10 -4.75 -14.78
C LYS D 279 -2.07 -3.75 -15.26
N THR D 280 -2.13 -2.54 -14.70
CA THR D 280 -1.25 -1.47 -15.12
C THR D 280 -0.51 -0.89 -13.93
N HIS D 281 0.75 -0.52 -14.18
CA HIS D 281 1.55 0.12 -13.16
C HIS D 281 0.98 1.49 -12.81
N ILE D 282 1.24 1.92 -11.58
CA ILE D 282 0.80 3.23 -11.13
C ILE D 282 2.02 4.00 -10.66
N ALA D 283 1.82 5.17 -10.08
CA ALA D 283 2.97 5.93 -9.58
C ALA D 283 3.64 5.17 -8.46
N LEU D 284 4.93 5.43 -8.29
CA LEU D 284 5.80 4.76 -7.32
C LEU D 284 5.99 3.29 -7.65
N ASP D 285 5.50 2.84 -8.81
CA ASP D 285 5.70 1.47 -9.27
C ASP D 285 6.98 1.30 -10.06
N GLY D 286 7.48 2.38 -10.66
CA GLY D 286 8.68 2.32 -11.46
C GLY D 286 9.96 2.31 -10.66
N ARG D 287 9.88 2.45 -9.34
CA ARG D 287 11.07 2.41 -8.50
C ARG D 287 11.80 1.08 -8.59
N LEU D 288 11.11 0.02 -9.02
CA LEU D 288 11.80 -1.23 -9.30
C LEU D 288 12.78 -1.09 -10.44
N ALA D 289 12.54 -0.20 -11.39
CA ALA D 289 13.44 0.02 -12.50
C ALA D 289 14.49 1.08 -12.21
N GLY D 290 14.52 1.61 -10.99
CA GLY D 290 15.40 2.70 -10.65
C GLY D 290 14.84 4.08 -10.93
N ILE D 291 13.64 4.15 -11.49
CA ILE D 291 13.02 5.43 -11.82
C ILE D 291 12.28 5.94 -10.59
N VAL D 292 12.68 7.10 -10.11
CA VAL D 292 12.05 7.70 -8.93
C VAL D 292 11.50 9.09 -9.19
N GLN D 293 11.84 9.73 -10.30
CA GLN D 293 11.26 11.02 -10.63
C GLN D 293 9.78 10.83 -10.91
N PRO D 294 8.91 11.47 -10.14
CA PRO D 294 7.47 11.30 -10.36
C PRO D 294 7.02 11.98 -11.64
N ASN D 295 5.96 11.44 -12.23
CA ASN D 295 5.40 12.02 -13.43
C ASN D 295 4.94 13.44 -13.17
N ASP D 296 5.18 14.33 -14.14
CA ASP D 296 4.83 15.73 -14.00
C ASP D 296 3.64 16.14 -14.86
N GLY D 297 3.34 15.41 -15.92
CA GLY D 297 2.18 15.72 -16.72
C GLY D 297 2.43 16.62 -17.90
N GLN D 298 3.56 16.45 -18.58
CA GLN D 298 3.91 17.26 -19.74
C GLN D 298 3.85 16.42 -21.01
N CYS D 299 3.82 17.12 -22.15
CA CYS D 299 3.75 16.46 -23.44
C CYS D 299 5.16 16.07 -23.85
N HIS D 300 5.60 14.92 -23.35
CA HIS D 300 6.93 14.41 -23.66
C HIS D 300 6.98 13.60 -24.94
N VAL D 301 5.86 13.44 -25.63
CA VAL D 301 5.86 12.76 -26.92
C VAL D 301 6.59 13.68 -27.90
N GLY D 302 7.80 13.31 -28.27
CA GLY D 302 8.64 14.14 -29.12
C GLY D 302 8.20 14.18 -30.56
N SER D 303 9.05 14.72 -31.43
CA SER D 303 8.75 14.77 -32.86
C SER D 303 8.90 13.42 -33.54
N ASP D 304 9.49 12.44 -32.87
CA ASP D 304 9.56 11.07 -33.35
C ASP D 304 8.31 10.28 -33.02
N ASN D 305 7.34 10.90 -32.34
CA ASN D 305 6.08 10.27 -31.95
C ASN D 305 6.34 9.02 -31.09
N HIS D 306 7.24 9.18 -30.13
CA HIS D 306 7.49 8.21 -29.08
C HIS D 306 7.48 8.94 -27.75
N TYR D 307 7.02 8.26 -26.70
CA TYR D 307 7.16 8.81 -25.36
C TYR D 307 8.63 8.84 -25.00
N SER D 308 9.22 10.02 -25.03
CA SER D 308 10.68 10.14 -24.90
C SER D 308 11.12 9.83 -23.48
N ALA D 309 10.66 10.62 -22.51
CA ALA D 309 11.06 10.44 -21.12
C ALA D 309 10.15 9.42 -20.47
N SER D 310 10.33 8.16 -20.86
CA SER D 310 9.65 7.04 -20.24
C SER D 310 10.58 6.19 -19.38
N THR D 311 11.88 6.29 -19.59
CA THR D 311 12.86 5.57 -18.78
C THR D 311 13.49 6.45 -17.72
N THR D 312 12.96 7.65 -17.52
CA THR D 312 13.46 8.53 -16.47
C THR D 312 12.33 9.22 -15.72
N MET D 313 11.08 8.85 -15.99
CA MET D 313 9.93 9.48 -15.34
C MET D 313 8.99 8.38 -14.85
N ASP D 314 8.55 8.48 -13.60
CA ASP D 314 7.71 7.46 -13.02
C ASP D 314 6.36 7.38 -13.74
N TYR D 315 5.60 6.36 -13.40
CA TYR D 315 4.25 6.23 -13.92
C TYR D 315 3.36 7.30 -13.28
N PRO D 316 2.22 7.59 -13.90
CA PRO D 316 1.30 8.56 -13.30
C PRO D 316 0.36 7.93 -12.30
N SER D 317 0.21 8.59 -11.16
CA SER D 317 -0.77 8.17 -10.17
C SER D 317 -2.17 8.41 -10.70
N LEU D 318 -3.14 7.69 -10.14
CA LEU D 318 -4.53 7.90 -10.54
C LEU D 318 -5.00 9.30 -10.23
N GLY D 319 -4.44 9.95 -9.21
CA GLY D 319 -4.80 11.33 -8.93
C GLY D 319 -4.33 12.29 -10.01
N LEU D 320 -3.06 12.18 -10.39
CA LEU D 320 -2.53 13.05 -11.45
C LEU D 320 -2.99 12.62 -12.83
N MET D 321 -3.61 11.46 -12.97
CA MET D 321 -4.18 11.06 -14.25
C MET D 321 -5.62 11.53 -14.40
N THR D 322 -6.42 11.45 -13.33
CA THR D 322 -7.80 11.91 -13.43
C THR D 322 -7.88 13.43 -13.55
N GLU D 323 -6.86 14.16 -13.15
CA GLU D 323 -6.86 15.60 -13.37
C GLU D 323 -6.67 15.92 -14.84
N LYS D 324 -5.70 15.27 -15.49
CA LYS D 324 -5.49 15.49 -16.91
C LYS D 324 -6.67 14.99 -17.72
N LEU D 325 -7.19 13.80 -17.39
CA LEU D 325 -8.33 13.25 -18.12
C LEU D 325 -9.55 14.15 -18.03
N SER D 326 -9.64 14.99 -17.00
CA SER D 326 -10.70 15.97 -16.91
C SER D 326 -10.31 17.28 -17.59
N GLN D 327 -9.11 17.77 -17.32
CA GLN D 327 -8.68 19.06 -17.85
C GLN D 327 -8.64 19.09 -19.37
N LYS D 328 -8.58 17.94 -20.04
CA LYS D 328 -8.68 17.88 -21.48
C LYS D 328 -10.01 17.33 -21.96
N ASN D 329 -10.96 17.09 -21.05
CA ASN D 329 -12.30 16.63 -21.38
C ASN D 329 -12.24 15.29 -22.13
N ILE D 330 -11.70 14.29 -21.45
CA ILE D 330 -11.51 12.96 -22.00
C ILE D 330 -12.41 12.00 -21.25
N ASN D 331 -13.16 11.19 -22.00
CA ASN D 331 -14.01 10.16 -21.43
C ASN D 331 -13.30 8.82 -21.66
N LEU D 332 -12.58 8.37 -20.64
CA LEU D 332 -11.81 7.15 -20.76
C LEU D 332 -12.72 5.94 -20.90
N ILE D 333 -12.31 4.99 -21.74
CA ILE D 333 -13.07 3.76 -21.98
C ILE D 333 -12.09 2.61 -21.79
N PHE D 334 -12.07 2.03 -20.59
CA PHE D 334 -11.27 0.82 -20.37
C PHE D 334 -11.92 -0.31 -21.16
N ALA D 335 -11.33 -0.66 -22.29
CA ALA D 335 -11.82 -1.78 -23.10
C ALA D 335 -11.00 -3.04 -22.81
N VAL D 336 -11.27 -3.62 -21.66
CA VAL D 336 -10.39 -4.62 -21.09
C VAL D 336 -11.01 -6.02 -21.19
N THR D 337 -10.20 -7.02 -20.84
CA THR D 337 -10.59 -8.42 -20.97
C THR D 337 -11.33 -8.88 -19.72
N GLU D 338 -12.14 -9.93 -19.88
CA GLU D 338 -13.01 -10.36 -18.80
C GLU D 338 -12.25 -10.81 -17.57
N ASN D 339 -10.99 -11.22 -17.71
CA ASN D 339 -10.21 -11.63 -16.55
C ASN D 339 -9.74 -10.44 -15.72
N VAL D 340 -9.93 -9.21 -16.20
CA VAL D 340 -9.34 -8.05 -15.56
C VAL D 340 -10.41 -6.97 -15.40
N VAL D 341 -11.65 -7.30 -15.75
CA VAL D 341 -12.73 -6.32 -15.71
C VAL D 341 -12.95 -5.84 -14.28
N ASN D 342 -13.01 -6.77 -13.33
CA ASN D 342 -13.20 -6.39 -11.93
C ASN D 342 -12.06 -5.54 -11.41
N LEU D 343 -10.90 -5.56 -12.05
CA LEU D 343 -9.82 -4.65 -11.68
C LEU D 343 -10.13 -3.23 -12.13
N TYR D 344 -10.61 -3.07 -13.37
CA TYR D 344 -10.86 -1.74 -13.92
C TYR D 344 -12.24 -1.21 -13.60
N GLN D 345 -13.21 -2.09 -13.35
CA GLN D 345 -14.49 -1.64 -12.83
C GLN D 345 -14.32 -1.01 -11.45
N ASN D 346 -13.18 -1.22 -10.83
CA ASN D 346 -12.84 -0.60 -9.55
C ASN D 346 -12.02 0.66 -9.71
N TYR D 347 -11.22 0.77 -10.78
CA TYR D 347 -10.56 2.04 -11.08
C TYR D 347 -11.56 3.08 -11.54
N SER D 348 -12.54 2.68 -12.35
CA SER D 348 -13.51 3.61 -12.91
C SER D 348 -14.44 4.19 -11.86
N GLU D 349 -14.37 3.72 -10.63
CA GLU D 349 -14.99 4.43 -9.51
C GLU D 349 -14.06 5.44 -8.88
N LEU D 350 -12.79 5.48 -9.33
CA LEU D 350 -11.86 6.50 -8.91
C LEU D 350 -11.58 7.55 -9.98
N ILE D 351 -11.89 7.23 -11.23
CA ILE D 351 -11.70 8.17 -12.34
C ILE D 351 -13.07 8.58 -12.87
N PRO D 352 -13.54 9.79 -12.58
CA PRO D 352 -14.88 10.20 -13.04
C PRO D 352 -14.97 10.22 -14.55
N GLY D 353 -16.17 9.96 -15.05
CA GLY D 353 -16.42 9.97 -16.48
C GLY D 353 -15.70 8.88 -17.25
N THR D 354 -15.69 7.66 -16.72
CA THR D 354 -15.02 6.53 -17.35
C THR D 354 -15.98 5.36 -17.49
N THR D 355 -15.69 4.49 -18.44
CA THR D 355 -16.46 3.28 -18.70
C THR D 355 -15.53 2.09 -18.73
N VAL D 356 -16.05 0.92 -18.35
CA VAL D 356 -15.31 -0.33 -18.43
C VAL D 356 -16.06 -1.28 -19.34
N GLY D 357 -15.36 -1.86 -20.30
CA GLY D 357 -15.94 -2.82 -21.21
C GLY D 357 -15.46 -4.23 -20.96
N VAL D 358 -15.81 -5.11 -21.89
CA VAL D 358 -15.38 -6.50 -21.87
C VAL D 358 -14.82 -6.80 -23.25
N LEU D 359 -13.55 -7.21 -23.29
CA LEU D 359 -12.87 -7.50 -24.54
C LEU D 359 -12.61 -9.00 -24.64
N SER D 360 -13.02 -9.59 -25.76
CA SER D 360 -12.78 -11.00 -25.95
C SER D 360 -11.29 -11.27 -26.10
N MET D 361 -10.93 -12.55 -26.22
CA MET D 361 -9.54 -12.92 -26.43
C MET D 361 -8.99 -12.29 -27.70
N ASP D 362 -9.72 -12.42 -28.80
CA ASP D 362 -9.31 -11.89 -30.09
C ASP D 362 -9.81 -10.48 -30.36
N SER D 363 -10.34 -9.79 -29.34
CA SER D 363 -10.77 -8.39 -29.44
C SER D 363 -11.74 -8.17 -30.59
N SER D 364 -12.67 -9.10 -30.79
CA SER D 364 -13.63 -9.00 -31.87
C SER D 364 -14.88 -8.22 -31.48
N ASN D 365 -14.99 -7.77 -30.24
CA ASN D 365 -16.15 -7.02 -29.79
C ASN D 365 -15.85 -5.56 -29.47
N VAL D 366 -14.61 -5.11 -29.71
CA VAL D 366 -14.28 -3.73 -29.40
C VAL D 366 -15.01 -2.74 -30.30
N LEU D 367 -15.37 -3.14 -31.52
CA LEU D 367 -16.22 -2.29 -32.36
C LEU D 367 -17.56 -2.05 -31.69
N GLN D 368 -18.17 -3.11 -31.18
CA GLN D 368 -19.42 -2.98 -30.43
C GLN D 368 -19.21 -2.39 -29.04
N LEU D 369 -18.00 -2.47 -28.50
CA LEU D 369 -17.74 -2.00 -27.15
C LEU D 369 -17.58 -0.50 -27.07
N ILE D 370 -17.05 0.13 -28.12
CA ILE D 370 -16.97 1.59 -28.14
C ILE D 370 -18.35 2.20 -28.13
N VAL D 371 -19.26 1.68 -28.97
CA VAL D 371 -20.60 2.25 -29.09
C VAL D 371 -21.35 2.15 -27.77
N ASP D 372 -21.38 0.95 -27.17
CA ASP D 372 -22.07 0.80 -25.89
C ASP D 372 -21.42 1.62 -24.79
N ALA D 373 -20.16 1.99 -24.94
CA ALA D 373 -19.51 2.90 -24.01
C ALA D 373 -19.67 4.36 -24.39
N TYR D 374 -20.16 4.64 -25.59
CA TYR D 374 -20.54 6.00 -25.98
C TYR D 374 -22.01 6.28 -25.68
N GLY D 375 -22.84 5.25 -25.69
CA GLY D 375 -24.20 5.37 -25.20
C GLY D 375 -24.35 5.24 -23.71
N LYS D 376 -23.28 4.88 -23.01
CA LYS D 376 -23.28 4.78 -21.56
C LYS D 376 -22.45 5.87 -20.90
N ILE D 377 -21.78 6.71 -21.68
CA ILE D 377 -21.12 7.89 -21.16
C ILE D 377 -21.82 9.17 -21.59
N ARG D 378 -22.63 9.12 -22.64
CA ARG D 378 -23.59 10.18 -22.94
C ARG D 378 -24.89 10.02 -22.18
N SER D 379 -24.97 9.00 -21.33
CA SER D 379 -26.12 8.75 -20.46
C SER D 379 -25.80 9.18 -19.03
N LYS D 380 -25.06 10.27 -18.89
CA LYS D 380 -24.67 10.77 -17.57
C LYS D 380 -24.19 12.20 -17.72
N VAL D 381 -24.55 13.05 -16.76
CA VAL D 381 -24.16 14.46 -16.79
C VAL D 381 -23.49 14.84 -15.48
N GLU D 382 -22.82 13.88 -14.85
CA GLU D 382 -22.12 14.12 -13.58
C GLU D 382 -21.31 15.40 -13.65
N LEU D 383 -21.64 16.35 -12.79
CA LEU D 383 -21.03 17.67 -12.84
C LEU D 383 -19.75 17.71 -12.03
N GLU D 384 -18.66 18.10 -12.67
CA GLU D 384 -17.38 18.33 -12.03
C GLU D 384 -17.19 19.83 -11.85
N VAL D 385 -16.55 20.22 -10.76
CA VAL D 385 -16.31 21.63 -10.46
C VAL D 385 -14.81 21.88 -10.47
N ARG D 386 -14.40 22.87 -11.26
CA ARG D 386 -13.00 23.29 -11.33
C ARG D 386 -12.83 24.63 -10.66
N ASP D 387 -11.71 24.79 -9.95
CA ASP D 387 -11.34 26.04 -9.30
C ASP D 387 -12.41 26.49 -8.30
N LEU D 388 -13.05 25.54 -7.61
CA LEU D 388 -13.96 25.88 -6.54
C LEU D 388 -13.17 26.30 -5.32
N PRO D 389 -13.28 27.55 -4.86
CA PRO D 389 -12.58 27.94 -3.64
C PRO D 389 -13.21 27.27 -2.42
N GLU D 390 -12.36 26.96 -1.43
CA GLU D 390 -12.82 26.22 -0.27
C GLU D 390 -13.89 26.95 0.52
N GLU D 391 -14.04 28.26 0.33
CA GLU D 391 -15.11 28.99 1.01
C GLU D 391 -16.46 28.71 0.38
N LEU D 392 -16.53 28.66 -0.95
CA LEU D 392 -17.81 28.61 -1.67
C LEU D 392 -18.24 27.15 -1.82
N SER D 393 -18.92 26.65 -0.80
CA SER D 393 -19.41 25.29 -0.80
C SER D 393 -20.60 25.15 -1.74
N LEU D 394 -20.96 23.90 -2.04
CA LEU D 394 -22.10 23.60 -2.89
C LEU D 394 -23.01 22.58 -2.23
N SER D 395 -24.30 22.69 -2.55
CA SER D 395 -25.28 21.68 -2.17
C SER D 395 -26.40 21.79 -3.20
N PHE D 396 -26.34 20.97 -4.25
CA PHE D 396 -27.10 21.20 -5.47
C PHE D 396 -28.03 20.03 -5.77
N ASN D 397 -29.30 20.35 -6.01
CA ASN D 397 -30.38 19.39 -6.24
C ASN D 397 -30.47 19.10 -7.72
N ALA D 398 -30.25 17.85 -8.11
CA ALA D 398 -30.34 17.49 -9.52
C ALA D 398 -31.78 17.61 -10.02
N THR D 399 -31.93 17.53 -11.35
CA THR D 399 -33.25 17.49 -11.99
C THR D 399 -33.18 16.44 -13.08
N CYS D 400 -33.55 15.22 -12.73
CA CYS D 400 -33.63 14.09 -13.66
C CYS D 400 -34.92 14.20 -14.46
N LEU D 401 -35.39 13.08 -15.03
CA LEU D 401 -36.33 13.13 -16.13
C LEU D 401 -37.68 13.70 -15.72
N ASN D 402 -37.82 15.02 -15.88
CA ASN D 402 -39.06 15.78 -15.88
C ASN D 402 -39.72 15.95 -14.51
N ASN D 403 -39.29 15.20 -13.51
CA ASN D 403 -39.78 15.45 -12.15
C ASN D 403 -38.74 15.27 -11.05
N GLU D 404 -37.69 14.50 -11.26
CA GLU D 404 -37.00 13.80 -10.17
C GLU D 404 -35.99 14.72 -9.50
N VAL D 405 -36.48 15.54 -8.57
CA VAL D 405 -35.61 16.42 -7.78
C VAL D 405 -34.92 15.55 -6.74
N ILE D 406 -33.67 15.18 -7.00
CA ILE D 406 -32.87 14.38 -6.08
C ILE D 406 -31.86 15.28 -5.39
N PRO D 407 -32.16 15.80 -4.21
CA PRO D 407 -31.23 16.74 -3.54
C PRO D 407 -29.94 16.04 -3.17
N GLY D 408 -28.82 16.59 -3.62
CA GLY D 408 -27.50 16.05 -3.35
C GLY D 408 -26.90 15.25 -4.50
N LEU D 409 -27.69 14.94 -5.52
CA LEU D 409 -27.21 14.10 -6.62
C LEU D 409 -26.67 14.97 -7.75
N LYS D 410 -25.66 14.43 -8.43
CA LYS D 410 -25.07 15.08 -9.59
C LYS D 410 -25.15 14.21 -10.84
N SER D 411 -25.78 13.03 -10.74
CA SER D 411 -25.55 11.94 -11.68
C SER D 411 -26.88 11.48 -12.29
N CYS D 412 -27.65 12.40 -12.84
CA CYS D 412 -28.85 11.97 -13.55
C CYS D 412 -28.43 11.08 -14.70
N MET D 413 -28.63 9.77 -14.53
CA MET D 413 -28.12 8.76 -15.43
C MET D 413 -29.27 8.13 -16.20
N GLY D 414 -28.93 7.27 -17.16
CA GLY D 414 -29.94 6.68 -18.00
C GLY D 414 -30.55 7.64 -19.00
N LEU D 415 -29.83 8.70 -19.35
CA LEU D 415 -30.32 9.69 -20.30
C LEU D 415 -30.15 9.16 -21.72
N LYS D 416 -30.34 10.03 -22.72
CA LYS D 416 -30.32 9.63 -24.11
C LYS D 416 -29.48 10.64 -24.89
N ILE D 417 -29.27 10.36 -26.17
CA ILE D 417 -28.61 11.30 -27.06
C ILE D 417 -29.66 12.30 -27.51
N GLY D 418 -29.78 13.42 -26.78
CA GLY D 418 -30.72 14.45 -27.15
C GLY D 418 -31.53 15.03 -26.01
N ASP D 419 -31.83 14.23 -24.98
CA ASP D 419 -32.69 14.71 -23.90
C ASP D 419 -31.91 15.62 -22.97
N THR D 420 -32.45 16.82 -22.75
CA THR D 420 -31.81 17.79 -21.87
C THR D 420 -32.27 17.58 -20.43
N VAL D 421 -31.38 17.89 -19.49
CA VAL D 421 -31.71 17.83 -18.07
C VAL D 421 -31.45 19.20 -17.47
N SER D 422 -31.68 19.33 -16.17
CA SER D 422 -31.47 20.59 -15.46
C SER D 422 -30.79 20.30 -14.14
N PHE D 423 -30.29 21.35 -13.51
CA PHE D 423 -29.70 21.25 -12.18
C PHE D 423 -30.08 22.48 -11.39
N SER D 424 -30.07 22.35 -10.06
CA SER D 424 -30.46 23.42 -9.15
C SER D 424 -29.33 23.57 -8.13
N ILE D 425 -28.42 24.49 -8.39
CA ILE D 425 -27.20 24.63 -7.62
C ILE D 425 -27.34 25.77 -6.63
N GLU D 426 -27.09 25.47 -5.35
CA GLU D 426 -27.14 26.46 -4.28
C GLU D 426 -25.74 26.64 -3.73
N ALA D 427 -25.15 27.81 -3.96
CA ALA D 427 -23.80 28.08 -3.50
C ALA D 427 -23.82 28.45 -2.02
N LYS D 428 -23.12 27.67 -1.20
CA LYS D 428 -23.05 27.90 0.24
C LYS D 428 -21.76 28.65 0.54
N VAL D 429 -21.84 29.98 0.48
CA VAL D 429 -20.65 30.79 0.76
C VAL D 429 -20.26 30.64 2.22
N ARG D 430 -18.98 30.82 2.50
CA ARG D 430 -18.46 30.77 3.86
C ARG D 430 -17.68 32.05 4.14
N GLY D 431 -18.26 32.93 4.96
CA GLY D 431 -17.60 34.14 5.39
C GLY D 431 -17.40 35.13 4.26
N CYS D 432 -16.48 36.06 4.48
CA CYS D 432 -16.13 37.07 3.50
C CYS D 432 -14.75 36.79 2.94
N PRO D 433 -14.62 36.34 1.70
CA PRO D 433 -13.29 36.12 1.12
C PRO D 433 -12.47 37.40 1.09
N GLN D 434 -11.19 37.29 1.45
CA GLN D 434 -10.32 38.46 1.48
C GLN D 434 -10.10 39.03 0.09
N GLU D 435 -10.18 38.19 -0.94
CA GLU D 435 -10.18 38.68 -2.31
C GLU D 435 -11.60 39.03 -2.71
N LYS D 436 -11.76 40.18 -3.36
CA LYS D 436 -13.10 40.70 -3.65
C LYS D 436 -13.88 39.78 -4.58
N GLU D 437 -13.23 39.25 -5.62
CA GLU D 437 -13.91 38.46 -6.62
C GLU D 437 -13.09 37.23 -6.96
N LYS D 438 -13.80 36.16 -7.34
CA LYS D 438 -13.19 34.93 -7.82
C LYS D 438 -14.07 34.38 -8.95
N SER D 439 -13.80 33.13 -9.35
CA SER D 439 -14.60 32.47 -10.37
C SER D 439 -14.29 30.98 -10.42
N PHE D 440 -15.32 30.15 -10.53
CA PHE D 440 -15.11 28.72 -10.74
C PHE D 440 -15.91 28.24 -11.94
N THR D 441 -15.97 26.93 -12.14
CA THR D 441 -16.62 26.36 -13.31
C THR D 441 -17.43 25.14 -12.89
N ILE D 442 -18.60 24.97 -13.46
CA ILE D 442 -19.53 23.92 -13.07
C ILE D 442 -19.75 23.03 -14.29
N LYS D 443 -18.70 22.89 -15.10
CA LYS D 443 -18.82 22.14 -16.34
C LYS D 443 -19.12 20.67 -16.08
N PRO D 444 -19.92 20.05 -16.94
CA PRO D 444 -20.08 18.59 -16.86
C PRO D 444 -18.82 17.87 -17.29
N VAL D 445 -18.70 16.61 -16.86
CA VAL D 445 -17.51 15.83 -17.15
C VAL D 445 -17.46 15.53 -18.65
N GLY D 446 -16.30 15.78 -19.26
CA GLY D 446 -16.12 15.46 -20.66
C GLY D 446 -16.77 16.41 -21.64
N PHE D 447 -17.09 17.63 -21.20
CA PHE D 447 -17.72 18.62 -22.07
C PHE D 447 -16.95 19.92 -21.95
N LYS D 448 -16.39 20.39 -23.06
CA LYS D 448 -15.69 21.67 -23.04
C LYS D 448 -16.63 22.81 -22.67
N ASP D 449 -17.87 22.76 -23.16
CA ASP D 449 -18.86 23.76 -22.82
C ASP D 449 -19.04 23.80 -21.31
N SER D 450 -19.03 25.01 -20.75
CA SER D 450 -18.86 25.16 -19.32
C SER D 450 -19.64 26.35 -18.80
N LEU D 451 -19.95 26.31 -17.51
CA LEU D 451 -20.56 27.42 -16.78
C LEU D 451 -19.49 28.03 -15.88
N ILE D 452 -18.94 29.15 -16.31
CA ILE D 452 -18.02 29.91 -15.46
C ILE D 452 -18.84 30.84 -14.59
N VAL D 453 -18.56 30.85 -13.30
CA VAL D 453 -19.36 31.59 -12.32
C VAL D 453 -18.48 32.72 -11.78
N GLN D 454 -18.60 33.90 -12.38
CA GLN D 454 -17.83 35.07 -11.97
C GLN D 454 -18.43 35.59 -10.67
N VAL D 455 -18.07 34.93 -9.57
CA VAL D 455 -18.58 35.29 -8.26
C VAL D 455 -18.07 36.66 -7.85
N THR D 456 -18.95 37.48 -7.31
CA THR D 456 -18.59 38.82 -6.84
C THR D 456 -19.12 39.00 -5.42
N PHE D 457 -18.52 39.95 -4.71
CA PHE D 457 -18.83 40.18 -3.30
C PHE D 457 -18.98 41.68 -3.06
N ASP D 458 -20.22 42.12 -2.86
CA ASP D 458 -20.50 43.52 -2.54
C ASP D 458 -20.43 43.74 -1.03
C1 NAG E . -33.80 28.18 -6.52
C2 NAG E . -34.90 28.24 -5.46
C3 NAG E . -36.25 28.08 -6.12
C4 NAG E . -36.43 29.09 -7.26
C5 NAG E . -35.22 29.06 -8.20
C6 NAG E . -35.25 30.18 -9.22
C7 NAG E . -35.33 27.21 -3.27
C8 NAG E . -35.01 26.07 -2.35
N2 NAG E . -34.69 27.21 -4.45
O3 NAG E . -37.28 28.28 -5.15
O4 NAG E . -37.58 28.75 -8.04
O5 NAG E . -34.00 29.23 -7.46
O6 NAG E . -36.40 30.06 -10.07
O7 NAG E . -36.14 28.08 -2.97
C1 NAG E . -38.73 29.52 -7.65
C2 NAG E . -39.92 29.03 -8.47
C3 NAG E . -41.19 29.77 -8.05
C4 NAG E . -41.41 29.64 -6.55
C5 NAG E . -40.15 30.11 -5.80
C6 NAG E . -40.24 29.89 -4.31
C7 NAG E . -39.96 28.24 -10.80
C8 NAG E . -39.65 28.58 -12.22
N2 NAG E . -39.69 29.19 -9.89
O3 NAG E . -42.31 29.23 -8.75
O4 NAG E . -42.51 30.44 -6.15
O5 NAG E . -39.01 29.38 -6.25
O6 NAG E . -39.38 28.83 -3.90
O7 NAG E . -40.43 27.16 -10.47
C1 NAG F . -13.20 -4.77 -7.02
C2 NAG F . -12.35 -5.98 -6.62
C3 NAG F . -13.19 -6.99 -5.87
C4 NAG F . -13.85 -6.32 -4.68
C5 NAG F . -14.67 -5.13 -5.16
C6 NAG F . -15.30 -4.34 -4.03
C7 NAG F . -10.41 -6.60 -8.01
C8 NAG F . -9.57 -5.93 -6.97
N2 NAG F . -11.73 -6.59 -7.80
O3 NAG F . -12.37 -8.07 -5.43
O4 NAG F . -14.69 -7.25 -3.98
O5 NAG F . -13.82 -4.22 -5.86
O6 NAG F . -14.69 -3.07 -3.89
O7 NAG F . -9.93 -7.14 -9.00
C1 NAG F . -14.21 -7.30 -2.61
C2 NAG F . -15.36 -7.71 -1.70
C3 NAG F . -14.88 -7.75 -0.25
C4 NAG F . -13.61 -8.58 -0.11
C5 NAG F . -12.57 -8.21 -1.17
C6 NAG F . -11.39 -9.15 -1.20
C7 NAG F . -17.61 -7.15 -2.50
C8 NAG F . -18.68 -6.09 -2.55
N2 NAG F . -16.49 -6.81 -1.85
O3 NAG F . -15.92 -8.30 0.56
O4 NAG F . -13.04 -8.32 1.16
O5 NAG F . -13.14 -8.23 -2.48
O6 NAG F . -10.31 -8.63 -1.96
O7 NAG F . -17.75 -8.25 -3.03
C1 MAN F . -13.37 -9.31 2.16
C2 MAN F . -12.02 -9.92 2.62
C3 MAN F . -12.21 -11.41 2.88
C4 MAN F . -13.54 -11.64 3.59
C5 MAN F . -14.69 -11.32 2.61
C6 MAN F . -15.95 -10.82 3.29
O2 MAN F . -11.61 -9.37 3.87
O3 MAN F . -11.11 -11.97 3.60
O4 MAN F . -13.66 -12.98 4.02
O5 MAN F . -14.26 -10.31 1.65
O6 MAN F . -17.07 -11.32 2.57
C1 MAN F . -10.67 -13.19 2.95
C2 MAN F . -10.50 -12.93 1.42
C3 MAN F . -11.03 -14.12 0.63
C4 MAN F . -10.59 -15.44 1.29
C5 MAN F . -11.25 -15.55 2.68
C6 MAN F . -10.37 -16.24 3.70
O2 MAN F . -9.12 -12.81 1.06
O3 MAN F . -10.63 -14.08 -0.73
O4 MAN F . -10.97 -16.54 0.49
O5 MAN F . -11.60 -14.23 3.19
O6 MAN F . -9.71 -17.33 3.06
C1 NAG G . -32.82 20.94 -2.25
C2 NAG G . -33.54 22.28 -2.01
C3 NAG G . -33.68 22.55 -0.51
C4 NAG G . -34.36 21.37 0.18
C5 NAG G . -33.57 20.10 -0.10
C6 NAG G . -34.21 18.86 0.48
C7 NAG G . -33.03 23.70 -3.94
C8 NAG G . -32.23 24.87 -4.43
N2 NAG G . -32.84 23.38 -2.66
O3 NAG G . -34.45 23.73 -0.30
O4 NAG G . -34.44 21.59 1.58
O5 NAG G . -33.50 19.89 -1.52
O6 NAG G . -35.63 18.93 0.37
O7 NAG G . -33.80 23.09 -4.67
C1 NAG G . -35.83 21.79 1.90
C2 NAG G . -35.99 21.93 3.40
C3 NAG G . -37.45 22.17 3.76
C4 NAG G . -37.99 23.38 3.00
C5 NAG G . -37.74 23.21 1.50
C6 NAG G . -38.12 24.43 0.70
C7 NAG G . -34.42 20.79 4.91
C8 NAG G . -33.77 22.12 5.10
N2 NAG G . -35.48 20.75 4.09
O3 NAG G . -37.56 22.39 5.17
O4 NAG G . -39.39 23.54 3.23
O5 NAG G . -36.35 22.97 1.25
O6 NAG G . -39.46 24.83 0.96
O7 NAG G . -34.02 19.78 5.48
C1 MAN G . -39.66 24.53 4.25
C2 MAN G . -38.73 25.77 4.06
C3 MAN G . -38.37 26.37 5.42
C4 MAN G . -39.56 26.27 6.37
C5 MAN G . -39.83 24.79 6.69
C6 MAN G . -41.28 24.51 7.07
O2 MAN G . -39.39 26.82 3.34
O3 MAN G . -37.93 27.72 5.30
O4 MAN G . -39.27 26.97 7.57
O5 MAN G . -39.51 23.95 5.55
O6 MAN G . -41.37 23.15 7.47
CA CA H . 8.82 -12.65 18.25
CA CA I . 1.59 -0.04 21.31
CA CA J . 7.81 11.47 22.81
CA CA K . 19.83 15.50 20.24
C1 NAG L . 23.68 19.65 -10.99
C2 NAG L . 23.85 21.16 -11.13
C3 NAG L . 22.61 21.77 -11.77
C4 NAG L . 22.30 21.08 -13.09
C5 NAG L . 22.22 19.56 -12.88
C6 NAG L . 22.05 18.81 -14.19
C7 NAG L . 25.34 22.19 -9.46
C8 NAG L . 25.42 22.81 -8.10
N2 NAG L . 24.12 21.78 -9.84
O3 NAG L . 22.82 23.16 -11.98
O4 NAG L . 21.06 21.54 -13.61
O5 NAG L . 23.42 19.08 -12.28
O6 NAG L . 23.31 18.55 -14.79
O7 NAG L . 26.32 22.06 -10.18
MG MG M . 0.84 -8.33 -21.92
CA CA N . -5.10 -11.51 -26.17
CA CA O . 5.37 -5.14 -18.50
#